data_6UUG
#
_entry.id   6UUG
#
_cell.length_a   81.187
_cell.length_b   161.582
_cell.length_c   62.045
_cell.angle_alpha   90.000
_cell.angle_beta   90.000
_cell.angle_gamma   90.000
#
_symmetry.space_group_name_H-M   'P 21 21 2'
#
loop_
_entity.id
_entity.type
_entity.pdbx_description
1 polymer 'Putative dehydrogenase'
2 water water
#
_entity_poly.entity_id   1
_entity_poly.type   'polypeptide(L)'
_entity_poly.pdbx_seq_one_letter_code
;MGSSHHHHHHSSGLVPRGSHMTAKPQSTLLSPLQTARQLAAEFALTAVERDERGGTPKAERDALRDSGLLALSIPTRYGG
LGARWSETLQVVREFAKVDSSIAHVFGFHHLMLATVRLFSRPEQWQPWFEQTARQNWFWGNALNPLDTRTVVKDLGGWRE
FSGKKSFCSGASDSQMLIASAVDESNGGKLLIAAIPSGRSGITLHNDWNNIGQRQTDSGSATFERVRVEESELLLDPGPL
STPFACLRPLIAQLTFTHMFLGIAEGAFEEARQYTLSETRVWHKSSVREVREDPYVLAHYGEFWVALEGIRLLVERAAAL
LDEAWAKGPNLSAEERGHLATAIATAKVAASRQGLEICSRLFEVTGARSTHASLRLDRHWRNLRTQTLHDPLDYKLHELG
DWALNQSLPVPTFYS
;
_entity_poly.pdbx_strand_id   A,B
#
# COMPACT_ATOMS: atom_id res chain seq x y z
N LEU A 29 28.40 28.21 -4.87
CA LEU A 29 29.39 27.43 -4.15
C LEU A 29 29.07 25.93 -4.13
N LEU A 30 27.80 25.56 -4.26
CA LEU A 30 27.39 24.17 -4.30
C LEU A 30 27.10 23.73 -5.74
N SER A 31 27.40 22.46 -6.02
CA SER A 31 26.97 21.85 -7.26
C SER A 31 25.46 21.64 -7.23
N PRO A 32 24.82 21.46 -8.39
CA PRO A 32 23.37 21.18 -8.37
C PRO A 32 22.99 19.96 -7.55
N LEU A 33 23.78 18.88 -7.60
CA LEU A 33 23.47 17.70 -6.78
C LEU A 33 23.54 18.04 -5.31
N GLN A 34 24.60 18.75 -4.89
CA GLN A 34 24.70 19.15 -3.49
C GLN A 34 23.53 20.04 -3.08
N THR A 35 23.14 20.98 -3.95
CA THR A 35 21.98 21.82 -3.65
C THR A 35 20.71 20.98 -3.52
N ALA A 36 20.51 20.02 -4.42
CA ALA A 36 19.35 19.15 -4.34
C ALA A 36 19.35 18.32 -3.07
N ARG A 37 20.52 17.80 -2.67
CA ARG A 37 20.56 16.95 -1.49
C ARG A 37 20.27 17.75 -0.22
N GLN A 38 20.73 19.00 -0.20
CA GLN A 38 20.41 19.91 0.90
C GLN A 38 18.91 20.18 0.96
N LEU A 39 18.31 20.48 -0.19
CA LEU A 39 16.85 20.68 -0.26
C LEU A 39 16.11 19.41 0.16
N ALA A 40 16.56 18.26 -0.34
CA ALA A 40 15.93 16.99 0.01
C ALA A 40 15.90 16.79 1.52
N ALA A 41 17.00 17.14 2.20
CA ALA A 41 17.02 17.03 3.66
C ALA A 41 15.93 17.90 4.30
N GLU A 42 15.75 19.12 3.80
CA GLU A 42 14.68 19.97 4.31
C GLU A 42 13.31 19.41 3.97
N PHE A 43 13.13 18.92 2.74
CA PHE A 43 11.87 18.30 2.37
C PHE A 43 11.54 17.12 3.26
N ALA A 44 12.55 16.32 3.62
CA ALA A 44 12.31 15.11 4.40
C ALA A 44 11.68 15.42 5.75
N LEU A 45 11.92 16.62 6.28
CA LEU A 45 11.40 16.96 7.60
C LEU A 45 9.88 17.02 7.63
N THR A 46 9.24 17.40 6.53
CA THR A 46 7.79 17.53 6.46
C THR A 46 7.14 16.53 5.50
N ALA A 47 7.93 15.62 4.91
CA ALA A 47 7.39 14.76 3.85
C ALA A 47 6.23 13.91 4.33
N VAL A 48 6.35 13.34 5.54
CA VAL A 48 5.30 12.45 6.04
C VAL A 48 4.00 13.21 6.27
N GLU A 49 4.10 14.38 6.90
CA GLU A 49 2.89 15.19 7.15
C GLU A 49 2.26 15.66 5.85
N ARG A 50 3.07 15.97 4.83
CA ARG A 50 2.52 16.46 3.58
C ARG A 50 1.93 15.34 2.73
N ASP A 51 2.42 14.11 2.88
CA ASP A 51 1.77 12.97 2.22
C ASP A 51 0.33 12.82 2.70
N GLU A 52 0.10 13.06 3.99
CA GLU A 52 -1.26 13.03 4.53
C GLU A 52 -2.08 14.22 4.05
N ARG A 53 -1.50 15.42 4.09
CA ARG A 53 -2.25 16.63 3.78
C ARG A 53 -2.65 16.69 2.31
N GLY A 54 -1.75 16.29 1.41
CA GLY A 54 -2.04 16.48 0.00
C GLY A 54 -1.97 17.95 -0.37
N GLY A 55 -2.62 18.28 -1.48
CA GLY A 55 -2.68 19.65 -1.94
C GLY A 55 -1.38 20.11 -2.59
N THR A 56 -1.26 21.43 -2.76
CA THR A 56 -0.11 22.03 -3.40
C THR A 56 1.01 22.25 -2.39
N PRO A 57 2.22 21.72 -2.60
CA PRO A 57 3.35 21.97 -1.69
C PRO A 57 4.01 23.32 -2.02
N LYS A 58 3.30 24.39 -1.69
CA LYS A 58 3.71 25.73 -2.14
C LYS A 58 5.07 26.13 -1.56
N ALA A 59 5.29 25.87 -0.26
CA ALA A 59 6.57 26.22 0.35
C ALA A 59 7.72 25.47 -0.32
N GLU A 60 7.52 24.20 -0.66
CA GLU A 60 8.57 23.43 -1.31
C GLU A 60 8.79 23.88 -2.75
N ARG A 61 7.71 24.24 -3.45
CA ARG A 61 7.85 24.75 -4.81
C ARG A 61 8.59 26.08 -4.82
N ASP A 62 8.31 26.95 -3.84
CA ASP A 62 9.06 28.20 -3.75
C ASP A 62 10.53 27.95 -3.44
N ALA A 63 10.81 26.95 -2.60
CA ALA A 63 12.20 26.58 -2.32
C ALA A 63 12.93 26.14 -3.59
N LEU A 64 12.22 25.44 -4.49
CA LEU A 64 12.79 25.13 -5.80
C LEU A 64 13.04 26.39 -6.62
N ARG A 65 12.08 27.33 -6.61
CA ARG A 65 12.28 28.60 -7.31
C ARG A 65 13.56 29.29 -6.85
N ASP A 66 13.76 29.39 -5.53
CA ASP A 66 14.92 30.09 -5.00
C ASP A 66 16.22 29.34 -5.20
N SER A 67 16.17 28.02 -5.42
CA SER A 67 17.38 27.20 -5.50
C SER A 67 18.17 27.42 -6.79
N GLY A 68 17.52 27.94 -7.84
CA GLY A 68 18.10 27.97 -9.16
C GLY A 68 17.86 26.73 -9.99
N LEU A 69 17.41 25.63 -9.39
CA LEU A 69 17.36 24.36 -10.12
C LEU A 69 16.26 24.32 -11.18
N LEU A 70 15.34 25.28 -11.22
CA LEU A 70 14.40 25.29 -12.34
C LEU A 70 15.09 25.62 -13.65
N ALA A 71 16.32 26.11 -13.62
CA ALA A 71 17.10 26.38 -14.82
C ALA A 71 18.17 25.31 -15.05
N LEU A 72 18.06 24.16 -14.37
CA LEU A 72 19.11 23.15 -14.42
C LEU A 72 19.36 22.67 -15.85
N SER A 73 18.29 22.41 -16.60
CA SER A 73 18.40 21.85 -17.95
C SER A 73 18.64 22.90 -19.03
N ILE A 74 18.54 24.18 -18.69
CA ILE A 74 18.67 25.24 -19.69
C ILE A 74 20.16 25.55 -19.90
N PRO A 75 20.64 25.62 -21.14
CA PRO A 75 22.08 25.85 -21.36
C PRO A 75 22.52 27.19 -20.78
N THR A 76 23.83 27.29 -20.49
CA THR A 76 24.32 28.50 -19.85
C THR A 76 24.20 29.71 -20.76
N ARG A 77 24.22 29.49 -22.08
CA ARG A 77 24.10 30.63 -22.99
C ARG A 77 22.74 31.31 -22.94
N TYR A 78 21.75 30.70 -22.30
CA TYR A 78 20.47 31.35 -22.08
C TYR A 78 20.23 31.71 -20.63
N GLY A 79 21.24 31.57 -19.78
CA GLY A 79 21.13 31.90 -18.38
C GLY A 79 20.91 30.73 -17.46
N GLY A 80 20.90 29.50 -17.99
CA GLY A 80 20.68 28.32 -17.19
C GLY A 80 21.97 27.72 -16.66
N LEU A 81 21.85 26.51 -16.10
CA LEU A 81 22.99 25.83 -15.48
C LEU A 81 23.70 24.87 -16.43
N GLY A 82 23.08 24.51 -17.55
CA GLY A 82 23.74 23.70 -18.56
C GLY A 82 23.98 22.24 -18.19
N ALA A 83 23.17 21.66 -17.32
CA ALA A 83 23.38 20.25 -16.99
C ALA A 83 23.04 19.34 -18.17
N ARG A 84 23.75 18.21 -18.24
CA ARG A 84 23.32 17.15 -19.15
CA ARG A 84 23.34 17.12 -19.13
C ARG A 84 22.09 16.45 -18.57
N TRP A 85 21.37 15.77 -19.46
CA TRP A 85 20.15 15.06 -19.01
C TRP A 85 20.45 14.10 -17.87
N SER A 86 21.57 13.39 -17.93
CA SER A 86 21.87 12.47 -16.83
C SER A 86 21.96 13.19 -15.49
N GLU A 87 22.45 14.44 -15.47
CA GLU A 87 22.53 15.19 -14.21
CA GLU A 87 22.53 15.19 -14.21
C GLU A 87 21.16 15.68 -13.77
N THR A 88 20.36 16.19 -14.71
CA THR A 88 19.00 16.60 -14.40
C THR A 88 18.20 15.44 -13.82
N LEU A 89 18.31 14.28 -14.45
CA LEU A 89 17.56 13.11 -13.98
C LEU A 89 18.11 12.58 -12.66
N GLN A 90 19.42 12.72 -12.42
CA GLN A 90 19.98 12.40 -11.11
C GLN A 90 19.31 13.23 -10.02
N VAL A 91 19.03 14.51 -10.28
CA VAL A 91 18.36 15.33 -9.29
C VAL A 91 16.92 14.86 -9.10
N VAL A 92 16.23 14.48 -10.17
CA VAL A 92 14.88 13.90 -10.04
C VAL A 92 14.92 12.69 -9.10
N ARG A 93 15.89 11.79 -9.33
CA ARG A 93 16.07 10.60 -8.50
C ARG A 93 16.32 10.97 -7.04
N GLU A 94 17.16 11.99 -6.81
CA GLU A 94 17.49 12.39 -5.45
CA GLU A 94 17.48 12.37 -5.44
C GLU A 94 16.26 12.92 -4.71
N PHE A 95 15.43 13.72 -5.39
CA PHE A 95 14.21 14.20 -4.76
C PHE A 95 13.26 13.04 -4.46
N ALA A 96 13.19 12.07 -5.38
CA ALA A 96 12.25 10.95 -5.22
C ALA A 96 12.57 10.07 -4.03
N LYS A 97 13.81 10.10 -3.53
CA LYS A 97 14.12 9.33 -2.32
C LYS A 97 13.31 9.82 -1.12
N VAL A 98 12.95 11.11 -1.10
CA VAL A 98 12.29 11.70 0.07
C VAL A 98 10.87 12.16 -0.28
N ASP A 99 10.63 12.54 -1.53
CA ASP A 99 9.37 13.21 -1.87
C ASP A 99 9.11 13.02 -3.37
N SER A 100 8.40 11.94 -3.71
CA SER A 100 8.22 11.63 -5.12
C SER A 100 7.27 12.59 -5.81
N SER A 101 6.37 13.25 -5.05
CA SER A 101 5.52 14.28 -5.66
C SER A 101 6.34 15.48 -6.11
N ILE A 102 7.25 15.92 -5.27
CA ILE A 102 8.16 17.00 -5.67
C ILE A 102 9.05 16.54 -6.82
N ALA A 103 9.52 15.29 -6.75
CA ALA A 103 10.35 14.78 -7.84
C ALA A 103 9.57 14.81 -9.16
N HIS A 104 8.28 14.45 -9.10
CA HIS A 104 7.43 14.39 -10.29
C HIS A 104 7.24 15.76 -10.92
N VAL A 105 6.84 16.76 -10.13
CA VAL A 105 6.60 18.06 -10.73
C VAL A 105 7.90 18.71 -11.17
N PHE A 106 9.01 18.44 -10.46
CA PHE A 106 10.31 18.95 -10.90
C PHE A 106 10.74 18.32 -12.21
N GLY A 107 10.65 17.00 -12.30
CA GLY A 107 10.98 16.31 -13.54
C GLY A 107 10.08 16.72 -14.70
N PHE A 108 8.78 16.87 -14.43
CA PHE A 108 7.89 17.29 -15.51
C PHE A 108 8.14 18.73 -15.94
N HIS A 109 8.53 19.61 -15.02
CA HIS A 109 8.97 20.94 -15.40
C HIS A 109 10.07 20.87 -16.47
N HIS A 110 11.10 20.05 -16.25
CA HIS A 110 12.17 20.01 -17.25
C HIS A 110 11.72 19.29 -18.51
N LEU A 111 10.78 18.35 -18.40
CA LEU A 111 10.17 17.75 -19.59
C LEU A 111 9.41 18.79 -20.42
N MET A 112 8.72 19.73 -19.76
CA MET A 112 8.02 20.78 -20.51
C MET A 112 9.02 21.66 -21.27
N LEU A 113 10.14 21.99 -20.64
CA LEU A 113 11.18 22.74 -21.34
C LEU A 113 11.73 21.95 -22.51
N ALA A 114 11.94 20.64 -22.33
CA ALA A 114 12.38 19.80 -23.44
C ALA A 114 11.38 19.80 -24.58
N THR A 115 10.09 19.89 -24.25
CA THR A 115 9.03 19.87 -25.24
C THR A 115 9.11 21.08 -26.17
N VAL A 116 9.24 22.29 -25.62
CA VAL A 116 9.38 23.45 -26.50
C VAL A 116 10.70 23.39 -27.24
N ARG A 117 11.75 22.87 -26.60
CA ARG A 117 13.05 22.81 -27.25
C ARG A 117 13.02 21.89 -28.47
N LEU A 118 12.33 20.76 -28.36
CA LEU A 118 12.33 19.77 -29.42
C LEU A 118 11.27 20.01 -30.49
N PHE A 119 10.16 20.67 -30.14
CA PHE A 119 9.00 20.76 -31.03
C PHE A 119 8.84 22.12 -31.73
N SER A 120 9.57 23.15 -31.33
CA SER A 120 9.32 24.50 -31.85
C SER A 120 10.61 25.12 -32.39
N ARG A 121 10.49 26.32 -32.92
CA ARG A 121 11.58 27.03 -33.58
C ARG A 121 12.45 27.77 -32.55
N PRO A 122 13.74 27.99 -32.85
CA PRO A 122 14.59 28.74 -31.91
C PRO A 122 14.02 30.09 -31.51
N GLU A 123 13.35 30.81 -32.43
CA GLU A 123 12.75 32.09 -32.06
C GLU A 123 11.65 31.94 -31.04
N GLN A 124 11.16 30.71 -30.83
CA GLN A 124 10.17 30.45 -29.79
C GLN A 124 10.83 29.97 -28.50
N TRP A 125 11.64 28.92 -28.55
CA TRP A 125 12.11 28.33 -27.30
C TRP A 125 13.28 29.10 -26.69
N GLN A 126 14.08 29.80 -27.49
CA GLN A 126 15.19 30.56 -26.90
C GLN A 126 14.68 31.66 -25.97
N PRO A 127 13.71 32.51 -26.36
CA PRO A 127 13.14 33.45 -25.37
C PRO A 127 12.51 32.75 -24.19
N TRP A 128 11.81 31.63 -24.40
CA TRP A 128 11.21 30.93 -23.29
C TRP A 128 12.27 30.44 -22.30
N PHE A 129 13.40 29.94 -22.81
CA PHE A 129 14.50 29.52 -21.95
C PHE A 129 15.08 30.70 -21.17
N GLU A 130 15.33 31.81 -21.88
CA GLU A 130 15.89 32.99 -21.22
C GLU A 130 14.97 33.50 -20.12
N GLN A 131 13.67 33.60 -20.39
CA GLN A 131 12.76 34.11 -19.37
C GLN A 131 12.61 33.14 -18.21
N THR A 132 12.62 31.84 -18.48
CA THR A 132 12.52 30.86 -17.41
C THR A 132 13.71 30.94 -16.47
N ALA A 133 14.91 31.10 -17.03
CA ALA A 133 16.12 31.17 -16.20
C ALA A 133 16.16 32.48 -15.43
N ARG A 134 15.75 33.57 -16.04
CA ARG A 134 15.82 34.87 -15.37
CA ARG A 134 15.82 34.87 -15.37
C ARG A 134 14.77 35.00 -14.28
N GLN A 135 13.57 34.47 -14.50
CA GLN A 135 12.46 34.67 -13.58
C GLN A 135 12.03 33.41 -12.83
N ASN A 136 12.76 32.31 -12.96
CA ASN A 136 12.43 31.04 -12.29
C ASN A 136 10.96 30.65 -12.49
N TRP A 137 10.51 30.70 -13.75
CA TRP A 137 9.19 30.21 -14.11
C TRP A 137 9.10 28.70 -13.87
N PHE A 138 8.00 28.27 -13.25
CA PHE A 138 7.70 26.86 -13.03
C PHE A 138 6.74 26.42 -14.13
N TRP A 139 7.13 25.42 -14.92
CA TRP A 139 6.32 24.94 -16.06
C TRP A 139 5.50 23.72 -15.63
N GLY A 140 4.22 23.71 -15.99
CA GLY A 140 3.32 22.63 -15.64
C GLY A 140 2.78 21.92 -16.87
N ASN A 141 2.08 20.81 -16.63
CA ASN A 141 1.64 19.91 -17.68
C ASN A 141 0.13 20.00 -17.86
N ALA A 142 -0.29 20.12 -19.11
CA ALA A 142 -1.70 19.99 -19.50
C ALA A 142 -1.80 19.25 -20.83
N LEU A 143 -0.86 18.34 -21.06
CA LEU A 143 -0.77 17.57 -22.30
C LEU A 143 -1.22 16.15 -21.99
N ASN A 144 -2.32 15.73 -22.59
CA ASN A 144 -2.84 14.37 -22.42
C ASN A 144 -3.28 13.90 -23.80
N PRO A 145 -2.45 13.12 -24.49
CA PRO A 145 -2.85 12.61 -25.81
C PRO A 145 -4.06 11.70 -25.76
N LEU A 146 -4.35 11.08 -24.61
CA LEU A 146 -5.49 10.20 -24.46
C LEU A 146 -6.70 10.90 -23.86
N ASP A 147 -6.77 12.22 -23.98
CA ASP A 147 -7.91 13.02 -23.51
C ASP A 147 -8.24 14.01 -24.62
N THR A 148 -9.13 13.59 -25.53
CA THR A 148 -9.48 14.38 -26.69
C THR A 148 -10.68 15.30 -26.44
N ARG A 149 -10.98 15.62 -25.18
CA ARG A 149 -12.09 16.49 -24.85
C ARG A 149 -11.80 17.97 -25.12
N THR A 150 -10.54 18.35 -25.27
CA THR A 150 -10.18 19.73 -25.61
C THR A 150 -9.96 19.83 -27.10
N VAL A 151 -10.66 20.76 -27.75
CA VAL A 151 -10.58 20.96 -29.19
C VAL A 151 -10.16 22.39 -29.46
N VAL A 152 -9.54 22.58 -30.63
CA VAL A 152 -9.06 23.90 -31.05
C VAL A 152 -9.87 24.35 -32.25
N LYS A 153 -10.37 25.58 -32.20
CA LYS A 153 -11.06 26.22 -33.31
C LYS A 153 -10.17 27.30 -33.89
N ASP A 154 -10.16 27.42 -35.22
CA ASP A 154 -9.40 28.45 -35.91
C ASP A 154 -10.32 29.64 -36.19
N LEU A 155 -9.97 30.80 -35.64
CA LEU A 155 -10.69 32.04 -35.88
C LEU A 155 -9.91 32.98 -36.79
N GLY A 156 -9.13 32.42 -37.72
CA GLY A 156 -8.32 33.21 -38.62
C GLY A 156 -7.18 33.94 -37.93
N GLY A 157 -7.52 35.02 -37.21
CA GLY A 157 -6.50 35.78 -36.51
C GLY A 157 -5.82 35.00 -35.41
N TRP A 158 -6.58 34.18 -34.70
CA TRP A 158 -6.02 33.35 -33.64
C TRP A 158 -6.82 32.06 -33.54
N ARG A 159 -6.36 31.15 -32.69
CA ARG A 159 -7.07 29.93 -32.38
C ARG A 159 -7.52 29.94 -30.93
N GLU A 160 -8.44 29.03 -30.60
CA GLU A 160 -8.97 28.95 -29.24
C GLU A 160 -9.10 27.49 -28.82
N PHE A 161 -8.59 27.18 -27.64
CA PHE A 161 -8.79 25.86 -27.04
C PHE A 161 -10.01 25.91 -26.14
N SER A 162 -10.88 24.91 -26.28
CA SER A 162 -12.08 24.79 -25.46
C SER A 162 -12.32 23.34 -25.11
N GLY A 163 -12.66 23.07 -23.85
CA GLY A 163 -12.96 21.73 -23.42
C GLY A 163 -12.37 21.47 -22.05
N LYS A 164 -12.35 20.21 -21.65
CA LYS A 164 -11.84 19.82 -20.35
C LYS A 164 -10.64 18.90 -20.50
N LYS A 165 -9.81 18.88 -19.46
CA LYS A 165 -8.61 18.03 -19.44
C LYS A 165 -8.40 17.51 -18.03
N SER A 166 -7.81 16.33 -17.94
CA SER A 166 -7.46 15.72 -16.67
C SER A 166 -5.99 15.32 -16.69
N PHE A 167 -5.48 14.89 -15.52
CA PHE A 167 -4.08 14.51 -15.34
C PHE A 167 -3.17 15.68 -15.67
N CYS A 168 -3.44 16.82 -15.04
CA CYS A 168 -2.71 18.06 -15.31
C CYS A 168 -1.59 18.26 -14.29
N SER A 169 -0.63 17.33 -14.30
CA SER A 169 0.41 17.25 -13.28
C SER A 169 1.10 18.61 -13.07
N GLY A 170 0.91 19.19 -11.89
CA GLY A 170 1.60 20.41 -11.54
C GLY A 170 1.17 21.65 -12.30
N ALA A 171 -0.09 21.72 -12.73
CA ALA A 171 -0.56 22.93 -13.38
C ALA A 171 -0.77 24.05 -12.37
N SER A 172 -1.16 23.72 -11.15
CA SER A 172 -1.36 24.72 -10.11
C SER A 172 -0.02 25.32 -9.69
N ASP A 173 -0.05 26.60 -9.32
CA ASP A 173 1.15 27.33 -8.93
C ASP A 173 2.23 27.27 -10.01
N SER A 174 1.82 27.27 -11.27
CA SER A 174 2.77 27.28 -12.37
C SER A 174 2.68 28.61 -13.11
N GLN A 175 3.74 28.92 -13.83
CA GLN A 175 3.80 30.11 -14.67
C GLN A 175 3.48 29.83 -16.13
N MET A 176 3.86 28.66 -16.63
CA MET A 176 3.62 28.29 -18.01
C MET A 176 3.06 26.87 -18.03
N LEU A 177 2.26 26.58 -19.05
CA LEU A 177 1.67 25.28 -19.28
C LEU A 177 1.95 24.83 -20.70
N ILE A 178 2.15 23.52 -20.86
CA ILE A 178 2.09 22.87 -22.16
C ILE A 178 0.70 22.24 -22.27
N ALA A 179 -0.11 22.74 -23.20
CA ALA A 179 -1.48 22.28 -23.34
C ALA A 179 -1.68 21.69 -24.73
N SER A 180 -2.49 20.62 -24.82
CA SER A 180 -2.81 20.02 -26.10
C SER A 180 -4.30 20.16 -26.40
N ALA A 181 -4.61 20.11 -27.69
CA ALA A 181 -5.98 20.13 -28.19
C ALA A 181 -6.01 19.38 -29.51
N VAL A 182 -7.20 18.90 -29.89
CA VAL A 182 -7.37 18.18 -31.14
C VAL A 182 -8.02 19.13 -32.16
N ASP A 183 -7.42 19.19 -33.34
CA ASP A 183 -8.03 19.88 -34.48
C ASP A 183 -8.80 18.85 -35.27
N GLU A 184 -10.13 18.94 -35.24
CA GLU A 184 -10.98 17.95 -35.87
C GLU A 184 -10.95 18.12 -37.39
N SER A 185 -9.83 17.73 -38.00
CA SER A 185 -9.65 17.76 -39.45
C SER A 185 -9.04 16.44 -39.88
N ASN A 186 -9.74 15.72 -40.76
CA ASN A 186 -9.31 14.41 -41.26
C ASN A 186 -9.09 13.42 -40.13
N GLY A 187 -9.99 13.44 -39.14
CA GLY A 187 -9.95 12.52 -38.01
C GLY A 187 -9.47 13.12 -36.71
N GLY A 188 -8.74 14.23 -36.76
CA GLY A 188 -8.30 14.90 -35.55
C GLY A 188 -6.81 14.82 -35.30
N LYS A 189 -6.09 15.91 -35.55
CA LYS A 189 -4.66 15.99 -35.32
C LYS A 189 -4.37 16.72 -34.02
N LEU A 190 -3.44 16.18 -33.24
CA LEU A 190 -3.08 16.79 -31.97
C LEU A 190 -2.24 18.05 -32.21
N LEU A 191 -2.56 19.11 -31.46
CA LEU A 191 -1.86 20.38 -31.54
C LEU A 191 -1.38 20.76 -30.14
N ILE A 192 -0.11 21.13 -30.02
CA ILE A 192 0.53 21.44 -28.73
C ILE A 192 0.87 22.93 -28.71
N ALA A 193 0.62 23.57 -27.57
CA ALA A 193 0.95 24.98 -27.39
C ALA A 193 1.55 25.21 -26.02
N ALA A 194 2.39 26.24 -25.90
CA ALA A 194 2.91 26.71 -24.62
C ALA A 194 2.26 28.04 -24.30
N ILE A 195 1.54 28.10 -23.18
CA ILE A 195 0.76 29.31 -22.87
C ILE A 195 0.85 29.61 -21.39
N PRO A 196 0.68 30.88 -21.00
CA PRO A 196 0.73 31.24 -19.59
C PRO A 196 -0.38 30.55 -18.81
N SER A 197 -0.03 30.07 -17.60
CA SER A 197 -0.98 29.29 -16.82
C SER A 197 -2.13 30.13 -16.31
N GLY A 198 -1.96 31.45 -16.19
CA GLY A 198 -3.04 32.29 -15.74
C GLY A 198 -3.83 32.95 -16.84
N ARG A 199 -3.68 32.52 -18.09
CA ARG A 199 -4.39 33.15 -19.19
C ARG A 199 -5.89 33.03 -19.02
N SER A 200 -6.61 34.08 -19.39
CA SER A 200 -8.07 34.12 -19.30
C SER A 200 -8.70 32.90 -19.96
N GLY A 201 -9.64 32.28 -19.27
CA GLY A 201 -10.33 31.13 -19.79
C GLY A 201 -9.85 29.80 -19.23
N ILE A 202 -8.73 29.79 -18.52
CA ILE A 202 -8.19 28.57 -17.91
C ILE A 202 -8.67 28.50 -16.47
N THR A 203 -9.31 27.39 -16.11
CA THR A 203 -9.74 27.12 -14.74
C THR A 203 -9.11 25.81 -14.30
N LEU A 204 -8.16 25.89 -13.36
CA LEU A 204 -7.46 24.73 -12.83
C LEU A 204 -8.17 24.28 -11.55
N HIS A 205 -8.80 23.10 -11.59
CA HIS A 205 -9.70 22.70 -10.53
C HIS A 205 -8.97 22.25 -9.27
N ASN A 206 -7.79 21.66 -9.40
CA ASN A 206 -7.01 21.17 -8.26
C ASN A 206 -7.85 20.22 -7.41
N ASP A 207 -8.51 19.28 -8.10
CA ASP A 207 -9.27 18.22 -7.46
C ASP A 207 -8.49 16.92 -7.36
N TRP A 208 -7.18 16.97 -7.60
CA TRP A 208 -6.35 15.78 -7.57
C TRP A 208 -6.44 15.09 -6.21
N ASN A 209 -6.91 13.84 -6.23
CA ASN A 209 -7.14 13.09 -5.00
C ASN A 209 -6.82 11.62 -5.30
N ASN A 210 -5.61 11.20 -4.95
CA ASN A 210 -5.11 9.89 -5.35
C ASN A 210 -4.43 9.24 -4.15
N ILE A 211 -4.26 7.91 -4.18
CA ILE A 211 -3.65 7.24 -3.04
C ILE A 211 -2.14 7.50 -2.99
N GLY A 212 -1.53 7.81 -4.14
CA GLY A 212 -0.12 8.17 -4.19
C GLY A 212 0.07 9.44 -5.01
N GLN A 213 1.31 9.92 -5.02
CA GLN A 213 1.66 11.16 -5.74
C GLN A 213 0.75 12.31 -5.33
N ARG A 214 0.51 12.45 -4.03
CA ARG A 214 -0.60 13.26 -3.53
C ARG A 214 -0.33 14.76 -3.58
N GLN A 215 0.84 15.20 -4.05
CA GLN A 215 1.14 16.63 -4.13
C GLN A 215 1.63 17.02 -5.53
N THR A 216 1.22 16.29 -6.55
CA THR A 216 1.54 16.62 -7.94
C THR A 216 0.45 17.44 -8.65
N ASP A 217 -0.66 17.74 -7.97
CA ASP A 217 -1.73 18.57 -8.54
C ASP A 217 -2.25 18.02 -9.87
N SER A 218 -2.32 16.69 -10.00
CA SER A 218 -2.64 16.10 -11.29
C SER A 218 -4.15 16.09 -11.55
N GLY A 219 -4.85 17.12 -11.09
CA GLY A 219 -6.30 17.19 -11.22
C GLY A 219 -6.81 17.62 -12.59
N SER A 220 -7.89 18.39 -12.61
CA SER A 220 -8.59 18.75 -13.84
C SER A 220 -8.40 20.22 -14.18
N ALA A 221 -8.69 20.54 -15.45
CA ALA A 221 -8.72 21.91 -15.93
C ALA A 221 -9.86 22.07 -16.93
N THR A 222 -10.44 23.27 -16.96
CA THR A 222 -11.45 23.65 -17.94
C THR A 222 -10.92 24.79 -18.77
N PHE A 223 -10.97 24.64 -20.10
CA PHE A 223 -10.56 25.65 -21.07
C PHE A 223 -11.82 26.27 -21.68
N GLU A 224 -11.98 27.57 -21.49
CA GLU A 224 -13.13 28.31 -22.01
C GLU A 224 -12.65 29.36 -23.01
N ARG A 225 -12.72 29.02 -24.30
CA ARG A 225 -12.28 29.91 -25.39
C ARG A 225 -10.91 30.52 -25.11
N VAL A 226 -9.96 29.67 -24.75
CA VAL A 226 -8.62 30.14 -24.38
C VAL A 226 -7.86 30.48 -25.65
N ARG A 227 -7.43 31.73 -25.76
CA ARG A 227 -6.76 32.17 -26.99
C ARG A 227 -5.35 31.60 -27.05
N VAL A 228 -4.95 31.17 -28.25
CA VAL A 228 -3.61 30.64 -28.50
C VAL A 228 -3.07 31.27 -29.78
N GLU A 229 -1.92 31.95 -29.68
CA GLU A 229 -1.32 32.58 -30.84
C GLU A 229 -0.55 31.57 -31.68
N GLU A 230 -0.41 31.87 -32.97
CA GLU A 230 0.43 31.06 -33.84
C GLU A 230 1.83 30.92 -33.26
N SER A 231 2.37 32.00 -32.70
CA SER A 231 3.69 32.00 -32.11
C SER A 231 3.78 31.11 -30.87
N GLU A 232 2.65 30.61 -30.37
CA GLU A 232 2.68 29.75 -29.20
C GLU A 232 2.51 28.27 -29.55
N LEU A 233 2.24 27.96 -30.82
CA LEU A 233 2.05 26.58 -31.26
C LEU A 233 3.39 25.93 -31.53
N LEU A 234 3.54 24.68 -31.08
CA LEU A 234 4.79 23.94 -31.24
C LEU A 234 4.65 23.10 -32.51
N LEU A 235 4.98 23.69 -33.65
CA LEU A 235 4.68 23.09 -34.95
C LEU A 235 5.92 22.74 -35.77
N ASP A 236 7.05 23.41 -35.55
CA ASP A 236 8.22 23.22 -36.41
C ASP A 236 9.42 22.79 -35.57
N PRO A 237 9.79 21.50 -35.59
CA PRO A 237 9.25 20.40 -36.41
C PRO A 237 8.01 19.70 -35.84
N GLY A 238 7.57 20.09 -34.64
CA GLY A 238 6.39 19.50 -34.03
C GLY A 238 6.62 18.11 -33.47
N PRO A 239 5.57 17.52 -32.91
CA PRO A 239 5.72 16.21 -32.25
C PRO A 239 5.84 15.07 -33.24
N LEU A 240 6.55 14.02 -32.81
CA LEU A 240 6.70 12.74 -33.52
C LEU A 240 7.12 12.94 -34.97
N SER A 241 8.22 13.67 -35.14
CA SER A 241 8.69 14.06 -36.46
C SER A 241 10.06 13.47 -36.66
N THR A 242 11.15 14.19 -36.39
CA THR A 242 12.50 13.64 -36.53
C THR A 242 12.83 12.74 -35.34
N PRO A 243 13.84 11.86 -35.48
CA PRO A 243 14.32 11.10 -34.30
C PRO A 243 14.65 11.96 -33.10
N PHE A 244 15.30 13.10 -33.32
CA PHE A 244 15.61 14.02 -32.23
C PHE A 244 14.33 14.51 -31.55
N ALA A 245 13.35 14.97 -32.33
CA ALA A 245 12.06 15.33 -31.74
C ALA A 245 11.45 14.16 -30.99
N CYS A 246 11.63 12.95 -31.50
CA CYS A 246 11.09 11.74 -30.89
C CYS A 246 11.84 11.35 -29.61
N LEU A 247 12.84 12.14 -29.19
CA LEU A 247 13.36 11.93 -27.84
C LEU A 247 12.39 12.37 -26.76
N ARG A 248 11.38 13.19 -27.09
CA ARG A 248 10.51 13.72 -26.05
C ARG A 248 9.83 12.62 -25.24
N PRO A 249 9.18 11.61 -25.83
CA PRO A 249 8.58 10.57 -24.98
C PRO A 249 9.61 9.76 -24.22
N LEU A 250 10.82 9.63 -24.75
CA LEU A 250 11.86 8.87 -24.07
C LEU A 250 12.35 9.62 -22.83
N ILE A 251 12.47 10.94 -22.92
CA ILE A 251 12.78 11.75 -21.74
C ILE A 251 11.70 11.57 -20.68
N ALA A 252 10.43 11.59 -21.10
CA ALA A 252 9.34 11.36 -20.15
C ALA A 252 9.47 9.99 -19.48
N GLN A 253 9.67 8.93 -20.28
CA GLN A 253 9.80 7.58 -19.74
C GLN A 253 10.98 7.47 -18.78
N LEU A 254 12.14 8.04 -19.16
CA LEU A 254 13.30 7.96 -18.29
C LEU A 254 13.16 8.84 -17.05
N THR A 255 12.35 9.90 -17.12
CA THR A 255 12.06 10.70 -15.93
C THR A 255 11.30 9.88 -14.90
N PHE A 256 10.22 9.19 -15.34
CA PHE A 256 9.51 8.27 -14.47
C PHE A 256 10.45 7.21 -13.93
N THR A 257 11.32 6.67 -14.78
CA THR A 257 12.22 5.60 -14.37
C THR A 257 13.14 6.04 -13.25
N HIS A 258 13.72 7.25 -13.36
CA HIS A 258 14.56 7.77 -12.29
C HIS A 258 13.77 7.97 -11.00
N MET A 259 12.50 8.39 -11.13
CA MET A 259 11.62 8.50 -9.97
CA MET A 259 11.65 8.50 -9.95
C MET A 259 11.45 7.14 -9.29
N PHE A 260 11.18 6.10 -10.08
CA PHE A 260 10.97 4.77 -9.53
C PHE A 260 12.19 4.30 -8.76
N LEU A 261 13.38 4.48 -9.33
CA LEU A 261 14.60 4.09 -8.63
C LEU A 261 14.76 4.89 -7.34
N GLY A 262 14.56 6.20 -7.41
CA GLY A 262 14.66 7.04 -6.21
C GLY A 262 13.71 6.59 -5.10
N ILE A 263 12.48 6.27 -5.45
CA ILE A 263 11.51 5.81 -4.45
C ILE A 263 12.02 4.54 -3.75
N ALA A 264 12.46 3.55 -4.55
CA ALA A 264 12.99 2.31 -3.99
C ALA A 264 14.22 2.56 -3.11
N GLU A 265 15.11 3.48 -3.54
CA GLU A 265 16.30 3.77 -2.74
C GLU A 265 15.92 4.46 -1.43
N GLY A 266 14.93 5.34 -1.47
CA GLY A 266 14.53 6.02 -0.23
C GLY A 266 13.84 5.07 0.72
N ALA A 267 12.98 4.19 0.18
CA ALA A 267 12.35 3.15 0.99
C ALA A 267 13.39 2.26 1.64
N PHE A 268 14.38 1.82 0.86
CA PHE A 268 15.45 0.98 1.38
C PHE A 268 16.19 1.68 2.51
N GLU A 269 16.56 2.94 2.31
CA GLU A 269 17.31 3.64 3.36
C GLU A 269 16.45 3.83 4.60
N GLU A 270 15.17 4.12 4.44
CA GLU A 270 14.33 4.30 5.62
C GLU A 270 14.17 2.98 6.37
N ALA A 271 14.05 1.87 5.65
CA ALA A 271 13.97 0.55 6.28
C ALA A 271 15.25 0.23 7.04
N ARG A 272 16.41 0.48 6.41
CA ARG A 272 17.69 0.31 7.07
C ARG A 272 17.70 1.01 8.43
N GLN A 273 17.34 2.28 8.44
CA GLN A 273 17.38 3.03 9.71
C GLN A 273 16.45 2.39 10.73
N TYR A 274 15.27 1.94 10.28
CA TYR A 274 14.31 1.37 11.21
C TYR A 274 14.79 0.02 11.74
N THR A 275 15.30 -0.84 10.84
CA THR A 275 15.83 -2.14 11.24
C THR A 275 16.91 -1.99 12.32
N LEU A 276 17.81 -1.02 12.13
CA LEU A 276 18.94 -0.83 13.04
C LEU A 276 18.57 -0.09 14.32
N SER A 277 17.45 0.64 14.34
CA SER A 277 17.11 1.54 15.43
C SER A 277 15.96 1.05 16.29
N GLU A 278 14.94 0.42 15.69
CA GLU A 278 13.67 0.19 16.38
C GLU A 278 13.21 -1.27 16.37
N THR A 279 13.59 -2.03 15.35
CA THR A 279 13.07 -3.39 15.20
C THR A 279 13.63 -4.29 16.30
N ARG A 280 12.76 -5.10 16.89
CA ARG A 280 13.16 -6.09 17.88
C ARG A 280 13.25 -7.47 17.23
N VAL A 281 14.22 -8.26 17.68
CA VAL A 281 14.40 -9.61 17.14
C VAL A 281 13.22 -10.48 17.56
N TRP A 282 12.80 -11.38 16.67
CA TRP A 282 11.71 -12.30 16.98
C TRP A 282 12.14 -13.27 18.07
N HIS A 283 11.22 -13.55 19.00
CA HIS A 283 11.60 -14.35 20.17
C HIS A 283 12.06 -15.76 19.81
N LYS A 284 11.80 -16.24 18.60
CA LYS A 284 12.31 -17.54 18.15
C LYS A 284 13.64 -17.43 17.42
N SER A 285 14.17 -16.23 17.25
CA SER A 285 15.43 -16.05 16.54
C SER A 285 16.58 -16.67 17.34
N SER A 286 17.61 -17.09 16.61
CA SER A 286 18.81 -17.65 17.22
C SER A 286 19.78 -16.58 17.70
N VAL A 287 19.61 -15.34 17.26
CA VAL A 287 20.55 -14.27 17.55
C VAL A 287 19.90 -13.27 18.50
N ARG A 288 20.73 -12.41 19.07
CA ARG A 288 20.28 -11.39 20.02
C ARG A 288 19.99 -10.06 19.36
N GLU A 289 20.61 -9.77 18.20
CA GLU A 289 20.40 -8.51 17.51
C GLU A 289 19.79 -8.78 16.13
N VAL A 290 18.83 -7.92 15.76
CA VAL A 290 18.16 -8.07 14.47
C VAL A 290 19.16 -8.06 13.33
N ARG A 291 20.21 -7.24 13.45
CA ARG A 291 21.14 -7.05 12.35
C ARG A 291 22.03 -8.26 12.11
N GLU A 292 21.92 -9.32 12.91
CA GLU A 292 22.59 -10.58 12.67
C GLU A 292 21.64 -11.71 12.31
N ASP A 293 20.33 -11.43 12.23
CA ASP A 293 19.36 -12.49 11.96
C ASP A 293 19.52 -12.98 10.53
N PRO A 294 19.60 -14.30 10.30
CA PRO A 294 19.95 -14.78 8.95
C PRO A 294 18.88 -14.49 7.93
N TYR A 295 17.62 -14.46 8.34
CA TYR A 295 16.57 -14.14 7.38
C TYR A 295 16.54 -12.65 7.07
N VAL A 296 16.76 -11.81 8.09
CA VAL A 296 16.85 -10.37 7.86
C VAL A 296 18.00 -10.07 6.90
N LEU A 297 19.16 -10.68 7.12
CA LEU A 297 20.30 -10.40 6.24
C LEU A 297 20.05 -10.88 4.82
N ALA A 298 19.39 -12.03 4.66
CA ALA A 298 19.13 -12.51 3.31
C ALA A 298 18.17 -11.58 2.58
N HIS A 299 17.16 -11.06 3.28
CA HIS A 299 16.28 -10.04 2.69
C HIS A 299 17.07 -8.84 2.21
N TYR A 300 17.97 -8.32 3.06
CA TYR A 300 18.76 -7.16 2.65
C TYR A 300 19.68 -7.48 1.48
N GLY A 301 20.21 -8.72 1.42
CA GLY A 301 21.00 -9.10 0.26
C GLY A 301 20.18 -9.14 -1.02
N GLU A 302 18.94 -9.61 -0.94
CA GLU A 302 18.06 -9.55 -2.10
C GLU A 302 17.72 -8.11 -2.48
N PHE A 303 17.46 -7.23 -1.50
CA PHE A 303 17.27 -5.82 -1.83
C PHE A 303 18.48 -5.26 -2.56
N TRP A 304 19.67 -5.64 -2.10
CA TRP A 304 20.92 -5.11 -2.68
C TRP A 304 21.08 -5.53 -4.13
N VAL A 305 20.88 -6.82 -4.40
CA VAL A 305 21.02 -7.33 -5.77
C VAL A 305 20.02 -6.65 -6.69
N ALA A 306 18.78 -6.49 -6.22
CA ALA A 306 17.78 -5.79 -7.02
C ALA A 306 18.16 -4.33 -7.28
N LEU A 307 18.52 -3.59 -6.22
CA LEU A 307 18.86 -2.18 -6.41
C LEU A 307 20.07 -2.02 -7.31
N GLU A 308 21.10 -2.85 -7.15
CA GLU A 308 22.29 -2.70 -7.96
C GLU A 308 21.98 -2.90 -9.45
N GLY A 309 21.19 -3.92 -9.77
CA GLY A 309 20.80 -4.11 -11.15
C GLY A 309 20.00 -2.95 -11.73
N ILE A 310 19.03 -2.44 -10.96
CA ILE A 310 18.25 -1.27 -11.43
C ILE A 310 19.17 -0.08 -11.65
N ARG A 311 20.05 0.19 -10.68
CA ARG A 311 20.94 1.35 -10.79
C ARG A 311 21.73 1.33 -12.09
N LEU A 312 22.36 0.20 -12.41
CA LEU A 312 23.17 0.16 -13.63
C LEU A 312 22.31 0.33 -14.88
N LEU A 313 21.13 -0.29 -14.92
CA LEU A 313 20.27 -0.15 -16.09
C LEU A 313 19.80 1.30 -16.27
N VAL A 314 19.42 1.94 -15.17
CA VAL A 314 18.96 3.33 -15.24
C VAL A 314 20.10 4.24 -15.66
N GLU A 315 21.28 4.06 -15.07
CA GLU A 315 22.41 4.93 -15.38
C GLU A 315 22.90 4.70 -16.79
N ARG A 316 22.81 3.47 -17.30
CA ARG A 316 23.18 3.24 -18.69
C ARG A 316 22.22 3.93 -19.64
N ALA A 317 20.91 3.85 -19.38
CA ALA A 317 19.97 4.59 -20.21
C ALA A 317 20.23 6.08 -20.17
N ALA A 318 20.58 6.62 -19.00
CA ALA A 318 20.84 8.05 -18.91
C ALA A 318 22.05 8.45 -19.73
N ALA A 319 23.11 7.64 -19.71
CA ALA A 319 24.29 7.94 -20.54
C ALA A 319 23.93 7.91 -22.03
N LEU A 320 23.14 6.91 -22.44
CA LEU A 320 22.74 6.84 -23.84
C LEU A 320 21.87 8.04 -24.23
N LEU A 321 21.04 8.54 -23.30
CA LEU A 321 20.27 9.74 -23.61
C LEU A 321 21.21 10.94 -23.81
N ASP A 322 22.19 11.10 -22.92
CA ASP A 322 23.19 12.16 -23.11
C ASP A 322 23.78 12.10 -24.52
N GLU A 323 24.20 10.90 -24.95
CA GLU A 323 24.86 10.75 -26.24
C GLU A 323 23.90 11.02 -27.40
N ALA A 324 22.65 10.58 -27.28
CA ALA A 324 21.67 10.85 -28.33
C ALA A 324 21.34 12.34 -28.43
N TRP A 325 21.11 12.98 -27.27
CA TRP A 325 20.79 14.41 -27.26
C TRP A 325 21.90 15.22 -27.93
N ALA A 326 23.15 14.84 -27.69
CA ALA A 326 24.28 15.58 -28.25
C ALA A 326 24.33 15.53 -29.77
N LYS A 327 23.66 14.56 -30.40
CA LYS A 327 23.66 14.50 -31.86
C LYS A 327 22.67 15.47 -32.47
N GLY A 328 21.71 15.96 -31.69
CA GLY A 328 20.74 16.92 -32.17
C GLY A 328 19.95 16.38 -33.34
N PRO A 329 19.60 17.29 -34.27
CA PRO A 329 18.81 16.88 -35.44
C PRO A 329 19.47 15.82 -36.32
N ASN A 330 20.77 15.55 -36.15
CA ASN A 330 21.43 14.47 -36.88
C ASN A 330 21.20 13.09 -36.27
N LEU A 331 20.40 12.99 -35.21
CA LEU A 331 20.18 11.70 -34.56
C LEU A 331 19.49 10.72 -35.51
N SER A 332 20.01 9.49 -35.58
CA SER A 332 19.41 8.49 -36.45
C SER A 332 18.25 7.78 -35.76
N ALA A 333 17.32 7.27 -36.57
CA ALA A 333 16.22 6.49 -36.03
C ALA A 333 16.74 5.23 -35.34
N GLU A 334 17.86 4.69 -35.80
CA GLU A 334 18.43 3.50 -35.17
C GLU A 334 18.90 3.81 -33.76
N GLU A 335 19.65 4.91 -33.60
CA GLU A 335 20.15 5.26 -32.26
C GLU A 335 19.00 5.59 -31.32
N ARG A 336 17.97 6.29 -31.82
CA ARG A 336 16.78 6.55 -31.01
C ARG A 336 16.15 5.23 -30.54
N GLY A 337 16.03 4.26 -31.45
CA GLY A 337 15.39 3.00 -31.08
C GLY A 337 16.16 2.23 -30.03
N HIS A 338 17.49 2.17 -30.16
CA HIS A 338 18.30 1.50 -29.15
C HIS A 338 18.17 2.19 -27.80
N LEU A 339 18.12 3.52 -27.78
CA LEU A 339 17.86 4.24 -26.54
C LEU A 339 16.49 3.86 -25.96
N ALA A 340 15.46 3.85 -26.81
CA ALA A 340 14.13 3.50 -26.35
C ALA A 340 14.11 2.12 -25.69
N THR A 341 14.78 1.14 -26.30
CA THR A 341 14.85 -0.20 -25.72
C THR A 341 15.57 -0.19 -24.37
N ALA A 342 16.67 0.56 -24.27
CA ALA A 342 17.41 0.61 -23.02
C ALA A 342 16.58 1.25 -21.91
N ILE A 343 15.81 2.30 -22.23
CA ILE A 343 14.98 2.95 -21.22
C ILE A 343 13.85 2.02 -20.78
N ALA A 344 13.20 1.36 -21.74
CA ALA A 344 12.10 0.46 -21.37
C ALA A 344 12.61 -0.69 -20.52
N THR A 345 13.80 -1.18 -20.82
CA THR A 345 14.41 -2.24 -20.01
C THR A 345 14.61 -1.78 -18.58
N ALA A 346 15.18 -0.58 -18.42
CA ALA A 346 15.37 0.00 -17.08
C ALA A 346 14.05 0.24 -16.37
N LYS A 347 13.04 0.72 -17.10
CA LYS A 347 11.75 1.01 -16.49
C LYS A 347 11.07 -0.25 -15.98
N VAL A 348 11.11 -1.35 -16.76
CA VAL A 348 10.51 -2.60 -16.28
C VAL A 348 11.19 -3.06 -14.99
N ALA A 349 12.53 -3.02 -14.96
CA ALA A 349 13.25 -3.45 -13.76
C ALA A 349 12.94 -2.54 -12.58
N ALA A 350 12.98 -1.22 -12.80
CA ALA A 350 12.71 -0.30 -11.71
C ALA A 350 11.29 -0.47 -11.19
N SER A 351 10.34 -0.70 -12.09
CA SER A 351 8.94 -0.84 -11.69
C SER A 351 8.75 -2.09 -10.86
N ARG A 352 9.16 -3.24 -11.40
CA ARG A 352 8.84 -4.53 -10.78
C ARG A 352 9.69 -4.76 -9.54
N GLN A 353 11.01 -4.61 -9.67
CA GLN A 353 11.86 -4.85 -8.52
C GLN A 353 11.72 -3.74 -7.48
N GLY A 354 11.46 -2.50 -7.92
CA GLY A 354 11.23 -1.43 -6.98
C GLY A 354 9.99 -1.68 -6.12
N LEU A 355 8.89 -2.09 -6.76
CA LEU A 355 7.66 -2.27 -5.98
C LEU A 355 7.82 -3.41 -5.00
N GLU A 356 8.58 -4.44 -5.38
CA GLU A 356 8.85 -5.57 -4.49
C GLU A 356 9.64 -5.13 -3.25
N ILE A 357 10.64 -4.27 -3.43
CA ILE A 357 11.36 -3.74 -2.26
C ILE A 357 10.41 -2.96 -1.35
N CYS A 358 9.57 -2.10 -1.92
CA CYS A 358 8.69 -1.27 -1.11
C CYS A 358 7.67 -2.11 -0.33
N SER A 359 7.36 -3.31 -0.81
CA SER A 359 6.47 -4.21 -0.07
C SER A 359 7.22 -5.07 0.93
N ARG A 360 8.31 -5.70 0.49
CA ARG A 360 8.96 -6.69 1.32
C ARG A 360 9.82 -6.08 2.41
N LEU A 361 10.10 -4.76 2.35
CA LEU A 361 10.84 -4.14 3.44
C LEU A 361 10.10 -4.27 4.76
N PHE A 362 8.77 -4.41 4.74
CA PHE A 362 8.07 -4.53 6.00
C PHE A 362 8.43 -5.80 6.75
N GLU A 363 8.92 -6.83 6.05
CA GLU A 363 9.34 -8.05 6.75
C GLU A 363 10.62 -7.88 7.55
N VAL A 364 11.40 -6.83 7.30
CA VAL A 364 12.59 -6.56 8.10
C VAL A 364 12.45 -5.34 8.99
N THR A 365 11.38 -4.56 8.85
CA THR A 365 11.11 -3.50 9.80
C THR A 365 10.14 -3.94 10.89
N GLY A 366 9.13 -4.75 10.56
CA GLY A 366 8.35 -5.45 11.58
C GLY A 366 7.03 -4.77 11.90
N ALA A 367 6.35 -5.38 12.90
CA ALA A 367 4.94 -5.06 13.16
C ALA A 367 4.74 -3.64 13.66
N ARG A 368 5.72 -3.06 14.34
CA ARG A 368 5.55 -1.69 14.83
C ARG A 368 5.80 -0.64 13.76
N SER A 369 6.33 -1.01 12.59
CA SER A 369 6.68 -0.03 11.56
C SER A 369 5.49 0.40 10.72
N THR A 370 4.31 -0.19 10.94
CA THR A 370 3.09 0.20 10.26
C THR A 370 2.35 1.34 10.97
N HIS A 371 2.92 1.89 12.04
CA HIS A 371 2.32 3.05 12.70
C HIS A 371 2.03 4.14 11.69
N ALA A 372 0.82 4.71 11.78
CA ALA A 372 0.42 5.71 10.79
C ALA A 372 1.23 6.98 10.87
N SER A 373 1.88 7.27 12.01
CA SER A 373 2.72 8.45 12.10
C SER A 373 3.95 8.34 11.19
N LEU A 374 4.35 7.12 10.84
CA LEU A 374 5.52 6.89 10.02
C LEU A 374 5.21 6.88 8.53
N ARG A 375 3.98 6.49 8.15
CA ARG A 375 3.54 6.36 6.76
C ARG A 375 4.62 5.69 5.89
N LEU A 376 5.18 4.60 6.42
CA LEU A 376 6.21 3.87 5.69
C LEU A 376 5.67 3.25 4.40
N ASP A 377 4.34 3.07 4.31
CA ASP A 377 3.71 2.57 3.09
C ASP A 377 3.64 3.61 1.98
N ARG A 378 4.01 4.88 2.25
CA ARG A 378 3.89 5.89 1.21
C ARG A 378 4.77 5.57 0.00
N HIS A 379 5.94 4.97 0.22
CA HIS A 379 6.79 4.58 -0.91
C HIS A 379 6.06 3.58 -1.80
N TRP A 380 5.51 2.51 -1.20
CA TRP A 380 4.75 1.55 -1.99
C TRP A 380 3.58 2.22 -2.70
N ARG A 381 2.80 3.05 -1.99
CA ARG A 381 1.63 3.68 -2.62
C ARG A 381 2.03 4.58 -3.78
N ASN A 382 3.10 5.35 -3.61
CA ASN A 382 3.55 6.24 -4.68
C ASN A 382 3.99 5.42 -5.89
N LEU A 383 4.78 4.38 -5.67
CA LEU A 383 5.25 3.60 -6.79
C LEU A 383 4.12 2.78 -7.40
N ARG A 384 3.22 2.25 -6.58
CA ARG A 384 2.09 1.51 -7.13
C ARG A 384 1.27 2.37 -8.07
N THR A 385 1.02 3.64 -7.70
CA THR A 385 0.22 4.53 -8.51
C THR A 385 0.92 4.85 -9.83
N GLN A 386 2.20 5.17 -9.76
CA GLN A 386 2.87 5.69 -10.95
C GLN A 386 3.30 4.60 -11.93
N THR A 387 3.35 3.35 -11.50
CA THR A 387 3.71 2.28 -12.43
C THR A 387 2.54 1.82 -13.30
N LEU A 388 1.33 2.35 -13.09
CA LEU A 388 0.14 1.89 -13.82
C LEU A 388 -0.19 2.70 -15.07
N HIS A 389 0.39 3.90 -15.21
CA HIS A 389 -0.03 4.73 -16.32
CA HIS A 389 0.04 4.78 -16.31
C HIS A 389 0.51 4.26 -17.66
N ASP A 390 1.49 3.34 -17.67
CA ASP A 390 2.00 2.72 -18.90
C ASP A 390 2.10 1.23 -18.57
N PRO A 391 1.16 0.41 -19.03
CA PRO A 391 1.05 -0.97 -18.50
C PRO A 391 2.28 -1.82 -18.78
N LEU A 392 2.80 -2.43 -17.71
CA LEU A 392 4.05 -3.20 -17.80
C LEU A 392 3.95 -4.34 -18.80
N ASP A 393 2.78 -4.99 -18.91
CA ASP A 393 2.70 -6.15 -19.81
C ASP A 393 2.97 -5.74 -21.24
N TYR A 394 2.54 -4.54 -21.63
CA TYR A 394 2.78 -4.12 -23.00
C TYR A 394 4.19 -3.58 -23.19
N LYS A 395 4.85 -3.14 -22.11
CA LYS A 395 6.29 -2.88 -22.20
C LYS A 395 7.06 -4.17 -22.46
N LEU A 396 6.68 -5.26 -21.79
CA LEU A 396 7.32 -6.55 -22.03
C LEU A 396 7.07 -7.01 -23.46
N HIS A 397 5.86 -6.77 -23.97
CA HIS A 397 5.54 -7.09 -25.36
C HIS A 397 6.51 -6.40 -26.32
N GLU A 398 6.72 -5.08 -26.12
CA GLU A 398 7.63 -4.31 -26.97
C GLU A 398 9.07 -4.83 -26.86
N LEU A 399 9.55 -5.10 -25.64
CA LEU A 399 10.89 -5.61 -25.46
C LEU A 399 11.06 -7.00 -26.06
N GLY A 400 10.02 -7.83 -26.02
CA GLY A 400 10.11 -9.13 -26.66
C GLY A 400 10.18 -8.99 -28.16
N ASP A 401 9.48 -8.00 -28.71
CA ASP A 401 9.54 -7.78 -30.15
C ASP A 401 10.97 -7.44 -30.57
N TRP A 402 11.69 -6.70 -29.73
CA TRP A 402 13.11 -6.45 -29.99
C TRP A 402 13.94 -7.72 -29.77
N ALA A 403 13.75 -8.38 -28.64
CA ALA A 403 14.60 -9.52 -28.30
C ALA A 403 14.45 -10.68 -29.28
N LEU A 404 13.22 -10.94 -29.70
CA LEU A 404 12.94 -12.08 -30.59
C LEU A 404 13.11 -11.69 -32.05
N ASN A 405 12.49 -10.58 -32.46
CA ASN A 405 12.36 -10.22 -33.86
C ASN A 405 13.31 -9.12 -34.30
N GLN A 406 14.04 -8.52 -33.36
CA GLN A 406 14.92 -7.37 -33.63
C GLN A 406 14.14 -6.20 -34.26
N SER A 407 12.92 -5.99 -33.78
CA SER A 407 12.09 -4.88 -34.23
C SER A 407 12.26 -3.70 -33.28
N LEU A 408 12.66 -2.55 -33.82
CA LEU A 408 12.74 -1.34 -33.01
C LEU A 408 11.35 -0.88 -32.59
N PRO A 409 11.24 -0.24 -31.43
CA PRO A 409 9.93 0.25 -31.00
C PRO A 409 9.45 1.38 -31.89
N VAL A 410 8.13 1.47 -32.04
CA VAL A 410 7.52 2.51 -32.87
C VAL A 410 7.32 3.75 -32.01
N PRO A 411 7.84 4.90 -32.43
CA PRO A 411 7.70 6.12 -31.61
C PRO A 411 6.23 6.52 -31.41
N THR A 412 5.85 6.67 -30.14
CA THR A 412 4.54 7.20 -29.77
C THR A 412 4.75 8.16 -28.59
N PHE A 413 3.66 8.64 -28.00
CA PHE A 413 3.79 9.46 -26.80
C PHE A 413 4.14 8.64 -25.57
N TYR A 414 4.12 7.31 -25.66
CA TYR A 414 4.52 6.43 -24.56
C TYR A 414 5.70 5.53 -24.89
N SER A 415 6.31 5.67 -26.07
CA SER A 415 7.31 4.69 -26.52
C SER A 415 8.22 5.22 -27.64
N LEU B 29 -36.59 -16.15 9.95
CA LEU B 29 -35.52 -16.88 10.62
C LEU B 29 -34.38 -17.20 9.66
N LEU B 30 -33.30 -16.42 9.75
CA LEU B 30 -32.13 -16.59 8.90
C LEU B 30 -31.05 -17.40 9.63
N SER B 31 -30.22 -18.08 8.85
CA SER B 31 -29.06 -18.78 9.39
C SER B 31 -27.95 -17.77 9.70
N PRO B 32 -26.98 -18.15 10.55
CA PRO B 32 -25.91 -17.20 10.87
C PRO B 32 -25.14 -16.72 9.67
N LEU B 33 -24.89 -17.60 8.70
CA LEU B 33 -24.21 -17.17 7.48
C LEU B 33 -25.04 -16.14 6.72
N GLN B 34 -26.34 -16.41 6.57
CA GLN B 34 -27.22 -15.44 5.92
C GLN B 34 -27.25 -14.12 6.68
N THR B 35 -27.36 -14.18 8.00
CA THR B 35 -27.33 -12.96 8.81
C THR B 35 -26.02 -12.21 8.61
N ALA B 36 -24.91 -12.92 8.61
CA ALA B 36 -23.61 -12.27 8.41
C ALA B 36 -23.52 -11.65 7.03
N ARG B 37 -24.04 -12.34 6.02
CA ARG B 37 -24.00 -11.79 4.66
C ARG B 37 -24.82 -10.51 4.56
N GLN B 38 -25.99 -10.48 5.21
CA GLN B 38 -26.81 -9.27 5.20
C GLN B 38 -26.08 -8.10 5.86
N LEU B 39 -25.50 -8.35 7.03
CA LEU B 39 -24.70 -7.31 7.70
C LEU B 39 -23.54 -6.86 6.83
N ALA B 40 -22.81 -7.82 6.23
CA ALA B 40 -21.68 -7.45 5.39
C ALA B 40 -22.11 -6.54 4.25
N ALA B 41 -23.29 -6.79 3.67
CA ALA B 41 -23.76 -5.94 2.58
C ALA B 41 -24.01 -4.52 3.07
N GLU B 42 -24.49 -4.37 4.30
CA GLU B 42 -24.68 -3.05 4.88
C GLU B 42 -23.34 -2.41 5.25
N PHE B 43 -22.44 -3.17 5.86
CA PHE B 43 -21.11 -2.64 6.18
C PHE B 43 -20.41 -2.14 4.92
N ALA B 44 -20.62 -2.83 3.79
CA ALA B 44 -19.96 -2.46 2.55
C ALA B 44 -20.33 -1.05 2.11
N LEU B 45 -21.54 -0.59 2.45
CA LEU B 45 -21.97 0.73 1.99
C LEU B 45 -21.09 1.85 2.54
N THR B 46 -20.52 1.67 3.73
CA THR B 46 -19.74 2.71 4.39
C THR B 46 -18.28 2.31 4.65
N ALA B 47 -17.84 1.14 4.18
CA ALA B 47 -16.50 0.66 4.54
C ALA B 47 -15.40 1.60 4.06
N VAL B 48 -15.57 2.17 2.86
CA VAL B 48 -14.52 3.02 2.29
C VAL B 48 -14.35 4.29 3.13
N GLU B 49 -15.46 4.96 3.46
CA GLU B 49 -15.34 6.19 4.25
C GLU B 49 -14.87 5.91 5.67
N ARG B 50 -15.24 4.74 6.23
CA ARG B 50 -14.80 4.40 7.57
C ARG B 50 -13.32 4.03 7.59
N ASP B 51 -12.79 3.47 6.50
CA ASP B 51 -11.35 3.27 6.40
C ASP B 51 -10.63 4.60 6.52
N GLU B 52 -11.19 5.66 5.94
CA GLU B 52 -10.60 6.99 6.02
C GLU B 52 -10.67 7.55 7.44
N ARG B 53 -11.86 7.53 8.04
CA ARG B 53 -12.05 8.14 9.36
C ARG B 53 -11.26 7.42 10.44
N GLY B 54 -11.26 6.08 10.41
CA GLY B 54 -10.68 5.33 11.50
C GLY B 54 -11.61 5.36 12.71
N GLY B 55 -11.02 5.35 13.90
CA GLY B 55 -11.83 5.46 15.10
C GLY B 55 -12.63 4.20 15.39
N THR B 56 -13.70 4.37 16.20
CA THR B 56 -14.49 3.21 16.60
C THR B 56 -15.72 3.07 15.72
N PRO B 57 -15.94 1.90 15.12
CA PRO B 57 -17.16 1.69 14.32
C PRO B 57 -18.34 1.32 15.20
N LYS B 58 -18.76 2.29 16.03
CA LYS B 58 -19.76 2.03 17.06
C LYS B 58 -21.08 1.56 16.46
N ALA B 59 -21.53 2.19 15.39
CA ALA B 59 -22.76 1.77 14.71
C ALA B 59 -22.67 0.32 14.25
N GLU B 60 -21.52 -0.06 13.67
CA GLU B 60 -21.37 -1.42 13.17
C GLU B 60 -21.28 -2.42 14.32
N ARG B 61 -20.60 -2.05 15.40
CA ARG B 61 -20.53 -2.93 16.56
C ARG B 61 -21.90 -3.11 17.20
N ASP B 62 -22.71 -2.05 17.21
CA ASP B 62 -24.07 -2.16 17.72
C ASP B 62 -24.91 -3.06 16.81
N ALA B 63 -24.69 -2.96 15.50
CA ALA B 63 -25.35 -3.88 14.57
C ALA B 63 -24.95 -5.32 14.88
N LEU B 64 -23.71 -5.55 15.28
CA LEU B 64 -23.32 -6.90 15.71
C LEU B 64 -24.06 -7.31 16.96
N ARG B 65 -24.17 -6.40 17.93
CA ARG B 65 -24.91 -6.72 19.15
C ARG B 65 -26.32 -7.16 18.84
N ASP B 66 -27.01 -6.39 17.98
CA ASP B 66 -28.41 -6.66 17.65
C ASP B 66 -28.58 -7.93 16.84
N SER B 67 -27.53 -8.39 16.16
CA SER B 67 -27.65 -9.50 15.23
C SER B 67 -27.73 -10.85 15.92
N GLY B 68 -27.31 -10.95 17.18
CA GLY B 68 -27.16 -12.24 17.83
C GLY B 68 -25.84 -12.92 17.56
N LEU B 69 -25.03 -12.44 16.61
CA LEU B 69 -23.82 -13.17 16.23
C LEU B 69 -22.73 -13.15 17.29
N LEU B 70 -22.84 -12.29 18.31
CA LEU B 70 -21.86 -12.35 19.38
C LEU B 70 -22.01 -13.63 20.20
N ALA B 71 -23.13 -14.36 20.07
CA ALA B 71 -23.29 -15.65 20.72
C ALA B 71 -23.06 -16.81 19.76
N LEU B 72 -22.47 -16.55 18.59
CA LEU B 72 -22.36 -17.58 17.56
C LEU B 72 -21.63 -18.83 18.08
N SER B 73 -20.53 -18.64 18.80
CA SER B 73 -19.70 -19.76 19.24
C SER B 73 -20.17 -20.34 20.57
N ILE B 74 -21.15 -19.74 21.22
CA ILE B 74 -21.59 -20.21 22.54
C ILE B 74 -22.59 -21.34 22.35
N PRO B 75 -22.43 -22.46 23.04
CA PRO B 75 -23.36 -23.58 22.87
C PRO B 75 -24.80 -23.18 23.20
N THR B 76 -25.74 -23.96 22.65
CA THR B 76 -27.16 -23.63 22.79
C THR B 76 -27.63 -23.73 24.23
N ARG B 77 -27.02 -24.59 25.04
CA ARG B 77 -27.46 -24.75 26.42
CA ARG B 77 -27.45 -24.76 26.43
C ARG B 77 -27.18 -23.51 27.27
N TYR B 78 -26.33 -22.60 26.80
CA TYR B 78 -26.12 -21.32 27.46
C TYR B 78 -26.86 -20.19 26.76
N GLY B 79 -27.65 -20.49 25.74
CA GLY B 79 -28.38 -19.46 25.03
C GLY B 79 -27.72 -18.94 23.78
N GLY B 80 -26.66 -19.59 23.31
CA GLY B 80 -25.99 -19.21 22.08
C GLY B 80 -26.48 -20.01 20.89
N LEU B 81 -25.78 -19.85 19.77
CA LEU B 81 -26.20 -20.47 18.52
C LEU B 81 -25.57 -21.84 18.27
N GLY B 82 -24.54 -22.22 19.04
CA GLY B 82 -23.99 -23.55 18.92
C GLY B 82 -23.16 -23.83 17.69
N ALA B 83 -22.58 -22.81 17.07
CA ALA B 83 -21.81 -23.02 15.83
C ALA B 83 -20.54 -23.81 16.07
N ARG B 84 -20.14 -24.59 15.06
CA ARG B 84 -18.80 -25.16 15.07
CA ARG B 84 -18.80 -25.17 15.05
C ARG B 84 -17.78 -24.08 14.74
N TRP B 85 -16.52 -24.32 15.10
CA TRP B 85 -15.49 -23.32 14.84
C TRP B 85 -15.40 -22.99 13.36
N SER B 86 -15.58 -24.00 12.50
CA SER B 86 -15.49 -23.73 11.06
C SER B 86 -16.57 -22.76 10.61
N GLU B 87 -17.74 -22.80 11.25
CA GLU B 87 -18.83 -21.90 10.94
C GLU B 87 -18.56 -20.50 11.47
N THR B 88 -18.06 -20.40 12.70
CA THR B 88 -17.69 -19.11 13.26
C THR B 88 -16.62 -18.44 12.40
N LEU B 89 -15.61 -19.22 12.00
CA LEU B 89 -14.51 -18.66 11.20
C LEU B 89 -14.97 -18.31 9.79
N GLN B 90 -15.96 -19.02 9.26
CA GLN B 90 -16.54 -18.64 7.98
C GLN B 90 -17.17 -17.25 8.04
N VAL B 91 -17.80 -16.90 9.17
CA VAL B 91 -18.34 -15.56 9.33
C VAL B 91 -17.22 -14.52 9.42
N VAL B 92 -16.12 -14.86 10.11
CA VAL B 92 -14.97 -13.95 10.14
C VAL B 92 -14.51 -13.66 8.72
N ARG B 93 -14.39 -14.70 7.90
CA ARG B 93 -13.96 -14.58 6.52
C ARG B 93 -14.94 -13.71 5.73
N GLU B 94 -16.24 -13.93 5.93
CA GLU B 94 -17.26 -13.16 5.21
CA GLU B 94 -17.25 -13.16 5.21
C GLU B 94 -17.14 -11.67 5.53
N PHE B 95 -16.99 -11.35 6.82
CA PHE B 95 -16.82 -9.95 7.19
C PHE B 95 -15.54 -9.38 6.59
N ALA B 96 -14.48 -10.18 6.53
CA ALA B 96 -13.19 -9.68 6.03
C ALA B 96 -13.23 -9.33 4.55
N LYS B 97 -14.20 -9.84 3.79
CA LYS B 97 -14.30 -9.45 2.38
C LYS B 97 -14.62 -7.96 2.23
N VAL B 98 -15.36 -7.40 3.17
CA VAL B 98 -15.83 -6.02 3.07
C VAL B 98 -15.22 -5.11 4.14
N ASP B 99 -14.85 -5.64 5.31
CA ASP B 99 -14.38 -4.79 6.39
C ASP B 99 -13.52 -5.65 7.33
N SER B 100 -12.20 -5.62 7.11
CA SER B 100 -11.33 -6.49 7.87
C SER B 100 -11.20 -6.06 9.33
N SER B 101 -11.44 -4.78 9.63
CA SER B 101 -11.40 -4.31 11.02
C SER B 101 -12.55 -4.91 11.82
N ILE B 102 -13.75 -4.88 11.23
CA ILE B 102 -14.89 -5.54 11.87
C ILE B 102 -14.65 -7.04 11.98
N ALA B 103 -14.10 -7.64 10.92
CA ALA B 103 -13.78 -9.07 10.98
C ALA B 103 -12.82 -9.35 12.14
N HIS B 104 -11.85 -8.47 12.33
CA HIS B 104 -10.84 -8.65 13.37
C HIS B 104 -11.47 -8.59 14.77
N VAL B 105 -12.22 -7.54 15.06
CA VAL B 105 -12.79 -7.45 16.41
C VAL B 105 -13.84 -8.52 16.64
N PHE B 106 -14.55 -8.94 15.58
CA PHE B 106 -15.51 -10.02 15.75
C PHE B 106 -14.81 -11.35 16.01
N GLY B 107 -13.80 -11.68 15.20
CA GLY B 107 -13.05 -12.90 15.45
C GLY B 107 -12.38 -12.89 16.82
N PHE B 108 -11.84 -11.75 17.22
CA PHE B 108 -11.16 -11.69 18.50
C PHE B 108 -12.13 -11.79 19.66
N HIS B 109 -13.37 -11.30 19.49
CA HIS B 109 -14.38 -11.51 20.52
C HIS B 109 -14.59 -13.00 20.78
N HIS B 110 -14.71 -13.79 19.70
CA HIS B 110 -14.89 -15.23 19.90
C HIS B 110 -13.64 -15.90 20.41
N LEU B 111 -12.45 -15.37 20.04
CA LEU B 111 -11.21 -15.85 20.63
C LEU B 111 -11.18 -15.61 22.12
N MET B 112 -11.68 -14.46 22.58
CA MET B 112 -11.72 -14.20 24.01
C MET B 112 -12.63 -15.20 24.72
N LEU B 113 -13.79 -15.51 24.13
CA LEU B 113 -14.67 -16.53 24.70
C LEU B 113 -13.99 -17.89 24.74
N ALA B 114 -13.24 -18.23 23.69
CA ALA B 114 -12.47 -19.46 23.69
C ALA B 114 -11.42 -19.44 24.80
N THR B 115 -10.87 -18.27 25.11
CA THR B 115 -9.83 -18.18 26.14
C THR B 115 -10.38 -18.56 27.51
N VAL B 116 -11.55 -18.01 27.90
CA VAL B 116 -12.11 -18.43 29.19
C VAL B 116 -12.59 -19.88 29.15
N ARG B 117 -13.13 -20.33 28.00
CA ARG B 117 -13.55 -21.72 27.89
C ARG B 117 -12.39 -22.69 28.09
N LEU B 118 -11.19 -22.37 27.59
CA LEU B 118 -10.09 -23.32 27.63
C LEU B 118 -9.20 -23.19 28.87
N PHE B 119 -9.16 -22.02 29.50
CA PHE B 119 -8.19 -21.76 30.57
C PHE B 119 -8.81 -21.76 31.97
N SER B 120 -10.13 -21.76 32.11
CA SER B 120 -10.78 -21.59 33.42
C SER B 120 -11.76 -22.71 33.68
N ARG B 121 -12.32 -22.75 34.92
CA ARG B 121 -13.24 -23.81 35.29
C ARG B 121 -14.65 -23.50 34.78
N PRO B 122 -15.47 -24.53 34.54
CA PRO B 122 -16.85 -24.26 34.11
C PRO B 122 -17.59 -23.35 35.07
N GLU B 123 -17.28 -23.42 36.37
CA GLU B 123 -17.88 -22.49 37.34
C GLU B 123 -17.64 -21.05 36.96
N GLN B 124 -16.57 -20.78 36.21
CA GLN B 124 -16.24 -19.43 35.76
C GLN B 124 -16.81 -19.15 34.36
N TRP B 125 -16.53 -20.01 33.37
CA TRP B 125 -16.90 -19.62 32.01
C TRP B 125 -18.36 -19.89 31.68
N GLN B 126 -19.02 -20.85 32.35
CA GLN B 126 -20.43 -21.07 32.04
C GLN B 126 -21.28 -19.84 32.36
N PRO B 127 -21.16 -19.21 33.53
CA PRO B 127 -21.87 -17.92 33.73
C PRO B 127 -21.45 -16.83 32.75
N TRP B 128 -20.16 -16.73 32.42
CA TRP B 128 -19.76 -15.73 31.43
C TRP B 128 -20.43 -15.98 30.08
N PHE B 129 -20.51 -17.26 29.67
CA PHE B 129 -21.19 -17.60 28.43
C PHE B 129 -22.66 -17.23 28.49
N GLU B 130 -23.34 -17.62 29.58
CA GLU B 130 -24.76 -17.31 29.73
C GLU B 130 -25.02 -15.81 29.67
N GLN B 131 -24.21 -15.03 30.40
CA GLN B 131 -24.38 -13.58 30.42
C GLN B 131 -24.09 -12.96 29.06
N THR B 132 -23.03 -13.44 28.39
CA THR B 132 -22.71 -12.89 27.08
C THR B 132 -23.86 -13.09 26.09
N ALA B 133 -24.45 -14.28 26.08
CA ALA B 133 -25.55 -14.55 25.14
C ALA B 133 -26.81 -13.79 25.50
N ARG B 134 -27.05 -13.59 26.80
CA ARG B 134 -28.25 -12.88 27.26
C ARG B 134 -28.15 -11.38 27.03
N GLN B 135 -26.97 -10.80 27.25
CA GLN B 135 -26.77 -9.36 27.23
C GLN B 135 -25.99 -8.85 26.02
N ASN B 136 -25.57 -9.73 25.12
CA ASN B 136 -24.75 -9.38 23.96
C ASN B 136 -23.53 -8.54 24.36
N TRP B 137 -22.78 -9.08 25.33
CA TRP B 137 -21.50 -8.50 25.69
C TRP B 137 -20.50 -8.67 24.56
N PHE B 138 -19.78 -7.59 24.27
CA PHE B 138 -18.65 -7.62 23.33
C PHE B 138 -17.38 -7.77 24.15
N TRP B 139 -16.58 -8.80 23.84
CA TRP B 139 -15.33 -9.06 24.55
C TRP B 139 -14.15 -8.51 23.75
N GLY B 140 -13.22 -7.86 24.46
CA GLY B 140 -12.08 -7.22 23.84
C GLY B 140 -10.77 -7.80 24.34
N ASN B 141 -9.70 -7.47 23.61
CA ASN B 141 -8.38 -8.03 23.85
C ASN B 141 -7.52 -7.07 24.67
N ALA B 142 -6.90 -7.58 25.73
CA ALA B 142 -5.82 -6.88 26.41
C ALA B 142 -4.73 -7.86 26.80
N LEU B 143 -4.53 -8.91 26.00
CA LEU B 143 -3.61 -10.00 26.30
C LEU B 143 -2.46 -9.91 25.30
N ASN B 144 -1.32 -9.40 25.76
CA ASN B 144 -0.10 -9.36 24.94
C ASN B 144 1.01 -10.10 25.68
N PRO B 145 1.39 -11.30 25.24
CA PRO B 145 2.47 -12.03 25.94
C PRO B 145 3.84 -11.37 25.78
N LEU B 146 4.06 -10.62 24.70
CA LEU B 146 5.31 -9.87 24.53
C LEU B 146 5.41 -8.79 25.60
N ASP B 147 4.54 -7.79 25.51
CA ASP B 147 4.48 -6.65 26.42
C ASP B 147 4.32 -7.11 27.88
N THR B 148 5.38 -6.96 28.68
CA THR B 148 5.36 -7.35 30.08
C THR B 148 5.40 -6.14 31.01
N ARG B 149 4.90 -5.00 30.54
CA ARG B 149 4.87 -3.80 31.36
C ARG B 149 3.76 -3.82 32.40
N THR B 150 2.89 -4.82 32.38
CA THR B 150 1.84 -4.97 33.38
C THR B 150 2.23 -6.05 34.37
N VAL B 151 2.16 -5.73 35.67
CA VAL B 151 2.52 -6.66 36.73
C VAL B 151 1.36 -6.79 37.70
N VAL B 152 1.33 -7.92 38.38
CA VAL B 152 0.26 -8.25 39.33
C VAL B 152 0.87 -8.41 40.71
N LYS B 153 0.33 -7.68 41.68
CA LYS B 153 0.68 -7.83 43.08
C LYS B 153 -0.43 -8.58 43.80
N ASP B 154 -0.04 -9.42 44.77
CA ASP B 154 -1.00 -10.17 45.57
C ASP B 154 -1.26 -9.42 46.87
N LEU B 155 -2.54 -9.15 47.15
CA LEU B 155 -2.93 -8.47 48.38
C LEU B 155 -3.71 -9.38 49.32
N GLY B 156 -3.55 -10.69 49.18
CA GLY B 156 -4.25 -11.63 50.03
C GLY B 156 -5.44 -12.26 49.36
N GLY B 157 -6.63 -11.72 49.62
CA GLY B 157 -7.84 -12.23 49.00
C GLY B 157 -8.04 -11.82 47.55
N TRP B 158 -7.31 -10.81 47.09
CA TRP B 158 -7.45 -10.28 45.74
C TRP B 158 -6.07 -9.90 45.21
N ARG B 159 -6.03 -9.53 43.93
CA ARG B 159 -4.81 -9.08 43.28
C ARG B 159 -5.06 -7.72 42.64
N GLU B 160 -3.98 -7.12 42.13
CA GLU B 160 -4.04 -5.83 41.44
C GLU B 160 -3.12 -5.84 40.23
N PHE B 161 -3.64 -5.41 39.08
CA PHE B 161 -2.87 -5.27 37.85
C PHE B 161 -2.48 -3.81 37.66
N SER B 162 -1.20 -3.54 37.45
CA SER B 162 -0.73 -2.19 37.15
C SER B 162 0.29 -2.22 36.04
N GLY B 163 0.13 -1.34 35.05
CA GLY B 163 1.11 -1.20 33.99
C GLY B 163 0.46 -0.71 32.71
N LYS B 164 1.24 -0.75 31.64
CA LYS B 164 0.80 -0.33 30.31
C LYS B 164 0.70 -1.53 29.38
N LYS B 165 -0.20 -1.44 28.40
CA LYS B 165 -0.38 -2.48 27.39
C LYS B 165 -0.57 -1.85 26.02
N SER B 166 -0.07 -2.52 24.99
CA SER B 166 -0.23 -2.10 23.61
C SER B 166 -0.97 -3.17 22.82
N PHE B 167 -1.46 -2.78 21.64
CA PHE B 167 -2.22 -3.66 20.75
C PHE B 167 -3.44 -4.25 21.46
N CYS B 168 -4.34 -3.37 21.88
CA CYS B 168 -5.54 -3.77 22.62
C CYS B 168 -6.73 -3.87 21.66
N SER B 169 -6.65 -4.85 20.76
CA SER B 169 -7.60 -5.00 19.66
C SER B 169 -9.02 -5.21 20.14
N GLY B 170 -9.85 -4.18 20.00
CA GLY B 170 -11.25 -4.27 20.36
C GLY B 170 -11.56 -3.99 21.81
N ALA B 171 -10.63 -3.38 22.56
CA ALA B 171 -10.91 -3.06 23.96
C ALA B 171 -11.94 -1.93 24.08
N SER B 172 -11.89 -0.96 23.16
CA SER B 172 -12.86 0.12 23.17
C SER B 172 -14.26 -0.40 22.87
N ASP B 173 -15.26 0.15 23.57
CA ASP B 173 -16.66 -0.22 23.39
C ASP B 173 -16.90 -1.70 23.70
N SER B 174 -16.12 -2.27 24.60
CA SER B 174 -16.32 -3.64 25.02
C SER B 174 -16.91 -3.70 26.43
N GLN B 175 -17.51 -4.83 26.74
CA GLN B 175 -18.05 -5.09 28.07
C GLN B 175 -17.10 -5.87 28.97
N MET B 176 -16.35 -6.82 28.40
CA MET B 176 -15.38 -7.61 29.13
C MET B 176 -14.04 -7.56 28.40
N LEU B 177 -12.97 -7.73 29.16
CA LEU B 177 -11.62 -7.72 28.63
C LEU B 177 -10.90 -8.96 29.11
N ILE B 178 -10.04 -9.52 28.27
CA ILE B 178 -9.08 -10.53 28.70
C ILE B 178 -7.76 -9.80 28.88
N ALA B 179 -7.23 -9.79 30.11
CA ALA B 179 -6.02 -9.03 30.39
C ALA B 179 -4.97 -9.91 31.03
N SER B 180 -3.72 -9.67 30.67
CA SER B 180 -2.61 -10.44 31.21
C SER B 180 -1.71 -9.57 32.07
N ALA B 181 -1.01 -10.20 33.00
CA ALA B 181 -0.01 -9.53 33.80
C ALA B 181 1.07 -10.54 34.16
N VAL B 182 2.24 -10.04 34.55
CA VAL B 182 3.34 -10.89 34.98
C VAL B 182 3.43 -10.82 36.50
N ASP B 183 3.49 -11.99 37.14
CA ASP B 183 3.81 -12.07 38.56
C ASP B 183 5.33 -12.21 38.70
N GLU B 184 5.93 -11.36 39.55
CA GLU B 184 7.38 -11.27 39.66
C GLU B 184 7.91 -12.31 40.66
N SER B 185 7.78 -13.57 40.26
CA SER B 185 8.33 -14.69 41.01
C SER B 185 8.96 -15.68 40.05
N ASN B 186 10.20 -16.07 40.34
CA ASN B 186 10.95 -17.06 39.54
C ASN B 186 11.08 -16.64 38.07
N GLY B 187 11.47 -15.38 37.87
CA GLY B 187 11.68 -14.87 36.52
C GLY B 187 10.43 -14.46 35.77
N GLY B 188 9.26 -14.50 36.41
CA GLY B 188 8.04 -14.06 35.77
C GLY B 188 7.12 -15.18 35.35
N LYS B 189 5.86 -15.12 35.77
CA LYS B 189 4.83 -16.09 35.40
C LYS B 189 3.61 -15.34 34.90
N LEU B 190 3.14 -15.69 33.70
CA LEU B 190 2.04 -14.98 33.07
C LEU B 190 0.71 -15.35 33.72
N LEU B 191 -0.08 -14.34 34.09
CA LEU B 191 -1.40 -14.50 34.70
C LEU B 191 -2.44 -13.85 33.81
N ILE B 192 -3.55 -14.55 33.56
CA ILE B 192 -4.60 -14.07 32.66
C ILE B 192 -5.89 -13.96 33.44
N ALA B 193 -6.62 -12.86 33.24
CA ALA B 193 -7.89 -12.60 33.92
C ALA B 193 -8.94 -12.11 32.92
N ALA B 194 -10.21 -12.37 33.24
CA ALA B 194 -11.35 -11.82 32.52
C ALA B 194 -12.03 -10.81 33.45
N ILE B 195 -12.07 -9.55 33.04
CA ILE B 195 -12.56 -8.47 33.91
C ILE B 195 -13.38 -7.48 33.10
N PRO B 196 -14.32 -6.81 33.75
CA PRO B 196 -15.16 -5.82 33.03
C PRO B 196 -14.30 -4.67 32.51
N SER B 197 -14.61 -4.23 31.29
CA SER B 197 -13.76 -3.25 30.62
C SER B 197 -13.78 -1.89 31.30
N GLY B 198 -14.83 -1.57 32.04
CA GLY B 198 -14.96 -0.29 32.72
C GLY B 198 -14.57 -0.29 34.18
N ARG B 199 -13.90 -1.35 34.65
CA ARG B 199 -13.53 -1.42 36.06
C ARG B 199 -12.56 -0.30 36.41
N SER B 200 -12.71 0.24 37.62
CA SER B 200 -11.88 1.34 38.08
C SER B 200 -10.40 1.02 37.93
N GLY B 201 -9.65 1.98 37.38
CA GLY B 201 -8.23 1.83 37.16
C GLY B 201 -7.84 1.48 35.75
N ILE B 202 -8.81 1.18 34.88
CA ILE B 202 -8.55 0.89 33.47
C ILE B 202 -8.79 2.15 32.66
N THR B 203 -7.79 2.56 31.87
CA THR B 203 -7.92 3.66 30.93
C THR B 203 -7.57 3.15 29.54
N LEU B 204 -8.52 3.23 28.62
CA LEU B 204 -8.29 2.89 27.22
C LEU B 204 -8.08 4.18 26.43
N HIS B 205 -6.99 4.24 25.68
CA HIS B 205 -6.50 5.53 25.18
C HIS B 205 -7.05 5.92 23.81
N ASN B 206 -7.48 4.96 23.00
CA ASN B 206 -7.96 5.23 21.65
C ASN B 206 -6.95 6.06 20.86
N ASP B 207 -5.66 5.78 21.07
CA ASP B 207 -4.56 6.37 20.31
C ASP B 207 -4.08 5.44 19.20
N TRP B 208 -4.98 4.59 18.69
CA TRP B 208 -4.66 3.65 17.63
C TRP B 208 -4.65 4.37 16.28
N ASN B 209 -3.49 4.42 15.64
CA ASN B 209 -3.33 5.06 14.34
C ASN B 209 -2.36 4.19 13.54
N ASN B 210 -2.89 3.44 12.58
CA ASN B 210 -2.14 2.46 11.82
C ASN B 210 -2.53 2.58 10.35
N ILE B 211 -1.65 2.10 9.46
CA ILE B 211 -1.96 2.22 8.03
C ILE B 211 -3.08 1.27 7.64
N GLY B 212 -3.26 0.18 8.39
CA GLY B 212 -4.34 -0.75 8.15
C GLY B 212 -5.03 -1.13 9.46
N GLN B 213 -6.09 -1.92 9.32
CA GLN B 213 -6.93 -2.34 10.45
C GLN B 213 -7.34 -1.13 11.30
N ARG B 214 -7.80 -0.09 10.61
CA ARG B 214 -7.93 1.22 11.22
C ARG B 214 -9.17 1.36 12.11
N GLN B 215 -10.02 0.34 12.21
CA GLN B 215 -11.18 0.40 13.10
C GLN B 215 -11.20 -0.76 14.10
N THR B 216 -10.03 -1.28 14.47
CA THR B 216 -9.93 -2.36 15.45
C THR B 216 -9.64 -1.88 16.86
N ASP B 217 -9.48 -0.58 17.07
CA ASP B 217 -9.22 -0.02 18.41
C ASP B 217 -7.97 -0.63 19.05
N SER B 218 -6.95 -0.98 18.26
CA SER B 218 -5.80 -1.70 18.81
C SER B 218 -4.82 -0.76 19.50
N GLY B 219 -5.32 0.28 20.16
CA GLY B 219 -4.49 1.29 20.77
C GLY B 219 -3.80 0.87 22.05
N SER B 220 -3.62 1.79 22.98
CA SER B 220 -2.91 1.56 24.22
C SER B 220 -3.87 1.56 25.40
N ALA B 221 -3.44 0.90 26.48
CA ALA B 221 -4.22 0.86 27.71
C ALA B 221 -3.31 1.07 28.91
N THR B 222 -3.89 1.61 29.98
CA THR B 222 -3.18 1.80 31.24
C THR B 222 -4.00 1.18 32.36
N PHE B 223 -3.36 0.34 33.17
CA PHE B 223 -3.94 -0.24 34.37
C PHE B 223 -3.23 0.39 35.57
N GLU B 224 -4.01 0.88 36.54
CA GLU B 224 -3.47 1.41 37.78
C GLU B 224 -4.23 0.79 38.93
N ARG B 225 -3.58 -0.14 39.63
CA ARG B 225 -4.17 -0.85 40.77
C ARG B 225 -5.56 -1.38 40.44
N VAL B 226 -5.68 -2.03 39.28
CA VAL B 226 -6.95 -2.63 38.88
C VAL B 226 -7.16 -3.88 39.72
N ARG B 227 -8.24 -3.90 40.50
CA ARG B 227 -8.55 -5.04 41.36
C ARG B 227 -8.99 -6.24 40.52
N VAL B 228 -8.45 -7.41 40.85
CA VAL B 228 -8.76 -8.66 40.15
C VAL B 228 -9.06 -9.73 41.19
N GLU B 229 -10.28 -10.25 41.19
CA GLU B 229 -10.64 -11.28 42.14
C GLU B 229 -10.07 -12.64 41.71
N GLU B 230 -9.89 -13.53 42.68
CA GLU B 230 -9.38 -14.86 42.37
C GLU B 230 -10.30 -15.59 41.40
N SER B 231 -11.61 -15.37 41.53
CA SER B 231 -12.60 -15.99 40.64
C SER B 231 -12.51 -15.49 39.21
N GLU B 232 -11.71 -14.46 38.94
CA GLU B 232 -11.56 -13.90 37.61
C GLU B 232 -10.26 -14.34 36.93
N LEU B 233 -9.42 -15.08 37.63
CA LEU B 233 -8.15 -15.54 37.10
C LEU B 233 -8.34 -16.87 36.37
N LEU B 234 -7.73 -17.01 35.19
CA LEU B 234 -7.92 -18.20 34.37
C LEU B 234 -6.77 -19.17 34.64
N LEU B 235 -6.92 -19.97 35.71
CA LEU B 235 -5.81 -20.78 36.21
C LEU B 235 -5.96 -22.27 36.01
N ASP B 236 -7.18 -22.79 35.88
CA ASP B 236 -7.45 -24.22 35.91
C ASP B 236 -8.17 -24.64 34.64
N PRO B 237 -7.46 -25.19 33.64
CA PRO B 237 -6.05 -25.58 33.68
C PRO B 237 -5.06 -24.46 33.33
N GLY B 238 -5.54 -23.28 32.95
CA GLY B 238 -4.67 -22.18 32.60
C GLY B 238 -4.02 -22.37 31.24
N PRO B 239 -3.24 -21.38 30.82
CA PRO B 239 -2.65 -21.42 29.47
C PRO B 239 -1.55 -22.47 29.35
N LEU B 240 -1.34 -22.90 28.11
CA LEU B 240 -0.25 -23.80 27.72
C LEU B 240 -0.14 -24.99 28.65
N SER B 241 -1.28 -25.66 28.86
CA SER B 241 -1.38 -26.79 29.79
C SER B 241 -1.67 -28.04 28.96
N THR B 242 -2.92 -28.44 28.82
CA THR B 242 -3.28 -29.63 28.06
C THR B 242 -3.24 -29.32 26.57
N PRO B 243 -3.16 -30.36 25.72
CA PRO B 243 -3.32 -30.13 24.28
C PRO B 243 -4.60 -29.38 23.94
N PHE B 244 -5.71 -29.69 24.62
CA PHE B 244 -6.96 -28.98 24.40
C PHE B 244 -6.81 -27.49 24.73
N ALA B 245 -6.23 -27.15 25.89
CA ALA B 245 -6.02 -25.75 26.19
C ALA B 245 -5.05 -25.12 25.19
N CYS B 246 -4.12 -25.90 24.66
CA CYS B 246 -3.19 -25.41 23.65
C CYS B 246 -3.85 -25.23 22.28
N LEU B 247 -5.16 -25.47 22.15
CA LEU B 247 -5.86 -25.02 20.95
C LEU B 247 -5.99 -23.50 20.89
N ARG B 248 -5.83 -22.80 22.02
CA ARG B 248 -6.07 -21.35 22.04
C ARG B 248 -5.22 -20.60 21.02
N PRO B 249 -3.89 -20.75 20.98
CA PRO B 249 -3.13 -20.02 19.96
C PRO B 249 -3.46 -20.49 18.55
N LEU B 250 -3.88 -21.75 18.39
CA LEU B 250 -4.25 -22.21 17.06
C LEU B 250 -5.54 -21.56 16.57
N ILE B 251 -6.53 -21.39 17.47
CA ILE B 251 -7.73 -20.64 17.09
C ILE B 251 -7.36 -19.22 16.68
N ALA B 252 -6.46 -18.59 17.43
CA ALA B 252 -6.01 -17.25 17.07
C ALA B 252 -5.37 -17.24 15.69
N GLN B 253 -4.43 -18.17 15.45
CA GLN B 253 -3.77 -18.23 14.15
C GLN B 253 -4.78 -18.45 13.02
N LEU B 254 -5.73 -19.36 13.22
CA LEU B 254 -6.67 -19.64 12.13
C LEU B 254 -7.70 -18.53 11.97
N THR B 255 -7.95 -17.75 13.02
CA THR B 255 -8.78 -16.55 12.87
C THR B 255 -8.11 -15.54 11.94
N PHE B 256 -6.83 -15.21 12.20
CA PHE B 256 -6.08 -14.37 11.27
C PHE B 256 -6.11 -14.95 9.86
N THR B 257 -5.94 -16.26 9.73
CA THR B 257 -5.86 -16.89 8.40
C THR B 257 -7.18 -16.71 7.64
N HIS B 258 -8.32 -16.91 8.32
CA HIS B 258 -9.59 -16.67 7.66
C HIS B 258 -9.74 -15.20 7.26
N MET B 259 -9.22 -14.29 8.07
CA MET B 259 -9.24 -12.87 7.70
CA MET B 259 -9.25 -12.87 7.70
C MET B 259 -8.40 -12.62 6.47
N PHE B 260 -7.21 -13.24 6.40
CA PHE B 260 -6.34 -13.04 5.24
C PHE B 260 -7.03 -13.50 3.97
N LEU B 261 -7.68 -14.67 4.00
CA LEU B 261 -8.39 -15.17 2.84
C LEU B 261 -9.54 -14.24 2.45
N GLY B 262 -10.35 -13.83 3.44
CA GLY B 262 -11.45 -12.92 3.14
C GLY B 262 -11.00 -11.62 2.50
N ILE B 263 -9.90 -11.04 3.00
CA ILE B 263 -9.38 -9.81 2.40
C ILE B 263 -9.05 -10.03 0.93
N ALA B 264 -8.35 -11.12 0.61
CA ALA B 264 -7.98 -11.39 -0.77
C ALA B 264 -9.20 -11.64 -1.64
N GLU B 265 -10.21 -12.33 -1.09
CA GLU B 265 -11.44 -12.58 -1.84
C GLU B 265 -12.20 -11.29 -2.10
N GLY B 266 -12.24 -10.40 -1.11
CA GLY B 266 -12.92 -9.13 -1.30
C GLY B 266 -12.19 -8.24 -2.29
N ALA B 267 -10.86 -8.21 -2.22
CA ALA B 267 -10.07 -7.47 -3.19
C ALA B 267 -10.30 -7.99 -4.60
N PHE B 268 -10.28 -9.32 -4.76
CA PHE B 268 -10.53 -9.94 -6.05
C PHE B 268 -11.89 -9.54 -6.61
N GLU B 269 -12.91 -9.58 -5.76
CA GLU B 269 -14.24 -9.26 -6.26
C GLU B 269 -14.36 -7.78 -6.59
N GLU B 270 -13.74 -6.91 -5.79
CA GLU B 270 -13.78 -5.49 -6.12
C GLU B 270 -13.03 -5.20 -7.41
N ALA B 271 -11.90 -5.89 -7.63
CA ALA B 271 -11.19 -5.74 -8.89
C ALA B 271 -12.03 -6.22 -10.07
N ARG B 272 -12.73 -7.35 -9.93
CA ARG B 272 -13.61 -7.83 -11.01
C ARG B 272 -14.58 -6.74 -11.43
N GLN B 273 -15.26 -6.14 -10.46
CA GLN B 273 -16.27 -5.13 -10.78
C GLN B 273 -15.64 -3.95 -11.49
N TYR B 274 -14.44 -3.55 -11.08
CA TYR B 274 -13.81 -2.40 -11.71
C TYR B 274 -13.36 -2.73 -13.13
N THR B 275 -12.72 -3.89 -13.31
CA THR B 275 -12.29 -4.31 -14.63
C THR B 275 -13.44 -4.31 -15.63
N LEU B 276 -14.59 -4.82 -15.20
CA LEU B 276 -15.74 -4.96 -16.09
C LEU B 276 -16.52 -3.67 -16.29
N SER B 277 -16.40 -2.71 -15.37
CA SER B 277 -17.20 -1.48 -15.40
C SER B 277 -16.43 -0.27 -15.89
N GLU B 278 -15.20 -0.07 -15.41
CA GLU B 278 -14.52 1.22 -15.57
C GLU B 278 -13.23 1.14 -16.38
N THR B 279 -12.45 0.08 -16.23
CA THR B 279 -11.16 -0.03 -16.89
C THR B 279 -11.30 0.05 -18.40
N ARG B 280 -10.41 0.81 -19.03
CA ARG B 280 -10.35 0.94 -20.49
C ARG B 280 -9.21 0.10 -21.06
N VAL B 281 -9.42 -0.41 -22.27
CA VAL B 281 -8.39 -1.17 -22.95
C VAL B 281 -7.20 -0.27 -23.28
N TRP B 282 -5.99 -0.83 -23.23
CA TRP B 282 -4.79 -0.10 -23.60
C TRP B 282 -4.72 0.03 -25.11
N HIS B 283 -4.39 1.24 -25.61
CA HIS B 283 -4.50 1.52 -27.03
C HIS B 283 -3.58 0.65 -27.89
N LYS B 284 -2.63 -0.06 -27.29
CA LYS B 284 -1.82 -1.04 -28.00
C LYS B 284 -2.42 -2.45 -27.97
N SER B 285 -3.53 -2.65 -27.27
CA SER B 285 -4.13 -3.98 -27.22
C SER B 285 -4.76 -4.33 -28.57
N SER B 286 -4.82 -5.63 -28.86
CA SER B 286 -5.46 -6.09 -30.08
C SER B 286 -6.97 -6.19 -29.95
N VAL B 287 -7.50 -6.16 -28.73
CA VAL B 287 -8.90 -6.44 -28.49
C VAL B 287 -9.66 -5.13 -28.24
N ARG B 288 -10.97 -5.17 -28.48
CA ARG B 288 -11.80 -4.00 -28.24
C ARG B 288 -12.18 -3.86 -26.78
N GLU B 289 -12.29 -4.99 -26.06
CA GLU B 289 -12.78 -5.01 -24.69
C GLU B 289 -11.71 -5.54 -23.75
N VAL B 290 -11.56 -4.87 -22.61
CA VAL B 290 -10.62 -5.32 -21.58
C VAL B 290 -10.94 -6.76 -21.16
N ARG B 291 -12.23 -7.14 -21.24
CA ARG B 291 -12.70 -8.50 -20.94
C ARG B 291 -11.94 -9.58 -21.70
N GLU B 292 -11.41 -9.24 -22.87
CA GLU B 292 -10.79 -10.22 -23.75
C GLU B 292 -9.29 -10.05 -23.85
N ASP B 293 -8.70 -9.11 -23.11
CA ASP B 293 -7.27 -8.85 -23.24
C ASP B 293 -6.48 -10.07 -22.73
N PRO B 294 -5.53 -10.58 -23.50
CA PRO B 294 -4.82 -11.81 -23.09
C PRO B 294 -4.03 -11.66 -21.79
N TYR B 295 -3.44 -10.49 -21.54
CA TYR B 295 -2.70 -10.31 -20.30
C TYR B 295 -3.65 -10.15 -19.12
N VAL B 296 -4.75 -9.42 -19.31
CA VAL B 296 -5.76 -9.31 -18.24
C VAL B 296 -6.28 -10.69 -17.87
N LEU B 297 -6.63 -11.51 -18.88
CA LEU B 297 -7.17 -12.83 -18.58
C LEU B 297 -6.15 -13.69 -17.84
N ALA B 298 -4.88 -13.62 -18.26
CA ALA B 298 -3.84 -14.40 -17.59
C ALA B 298 -3.68 -13.98 -16.14
N HIS B 299 -3.73 -12.68 -15.85
CA HIS B 299 -3.70 -12.24 -14.44
C HIS B 299 -4.84 -12.86 -13.66
N TYR B 300 -6.07 -12.77 -14.19
CA TYR B 300 -7.20 -13.33 -13.47
C TYR B 300 -7.08 -14.83 -13.32
N GLY B 301 -6.49 -15.52 -14.29
CA GLY B 301 -6.24 -16.95 -14.11
C GLY B 301 -5.28 -17.21 -12.96
N GLU B 302 -4.22 -16.41 -12.87
CA GLU B 302 -3.29 -16.58 -11.74
C GLU B 302 -3.95 -16.24 -10.41
N PHE B 303 -4.80 -15.21 -10.37
CA PHE B 303 -5.52 -14.92 -9.13
C PHE B 303 -6.39 -16.13 -8.75
N TRP B 304 -7.02 -16.75 -9.74
CA TRP B 304 -7.93 -17.87 -9.48
C TRP B 304 -7.16 -19.04 -8.88
N VAL B 305 -6.01 -19.37 -9.46
CA VAL B 305 -5.25 -20.53 -8.99
C VAL B 305 -4.79 -20.30 -7.57
N ALA B 306 -4.33 -19.08 -7.28
CA ALA B 306 -3.94 -18.70 -5.90
C ALA B 306 -5.10 -18.82 -4.94
N LEU B 307 -6.24 -18.18 -5.26
CA LEU B 307 -7.38 -18.21 -4.34
C LEU B 307 -7.86 -19.63 -4.09
N GLU B 308 -7.95 -20.46 -5.14
CA GLU B 308 -8.45 -21.81 -4.96
C GLU B 308 -7.54 -22.62 -4.05
N GLY B 309 -6.23 -22.49 -4.21
CA GLY B 309 -5.32 -23.18 -3.30
C GLY B 309 -5.45 -22.73 -1.85
N ILE B 310 -5.52 -21.41 -1.62
CA ILE B 310 -5.70 -20.89 -0.27
C ILE B 310 -7.00 -21.40 0.32
N ARG B 311 -8.09 -21.31 -0.45
CA ARG B 311 -9.39 -21.73 0.04
C ARG B 311 -9.37 -23.15 0.57
N LEU B 312 -8.81 -24.10 -0.20
CA LEU B 312 -8.81 -25.49 0.25
C LEU B 312 -7.93 -25.66 1.49
N LEU B 313 -6.76 -25.01 1.53
CA LEU B 313 -5.91 -25.14 2.70
C LEU B 313 -6.60 -24.60 3.95
N VAL B 314 -7.26 -23.44 3.83
CA VAL B 314 -7.92 -22.84 4.99
C VAL B 314 -9.10 -23.69 5.45
N GLU B 315 -9.90 -24.19 4.50
CA GLU B 315 -11.07 -24.99 4.89
C GLU B 315 -10.65 -26.33 5.47
N ARG B 316 -9.53 -26.89 4.99
CA ARG B 316 -9.04 -28.13 5.59
C ARG B 316 -8.61 -27.89 7.03
N ALA B 317 -7.89 -26.80 7.28
CA ALA B 317 -7.50 -26.48 8.66
C ALA B 317 -8.74 -26.28 9.54
N ALA B 318 -9.77 -25.64 9.00
CA ALA B 318 -11.00 -25.43 9.76
C ALA B 318 -11.65 -26.75 10.12
N ALA B 319 -11.71 -27.69 9.18
CA ALA B 319 -12.30 -29.00 9.48
C ALA B 319 -11.49 -29.74 10.54
N LEU B 320 -10.16 -29.63 10.48
CA LEU B 320 -9.33 -30.28 11.49
C LEU B 320 -9.52 -29.64 12.86
N LEU B 321 -9.79 -28.33 12.89
CA LEU B 321 -10.05 -27.66 14.17
C LEU B 321 -11.37 -28.15 14.78
N ASP B 322 -12.43 -28.25 13.97
CA ASP B 322 -13.69 -28.84 14.45
C ASP B 322 -13.45 -30.21 15.07
N GLU B 323 -12.69 -31.06 14.38
CA GLU B 323 -12.46 -32.43 14.85
C GLU B 323 -11.64 -32.45 16.14
N ALA B 324 -10.62 -31.59 16.23
CA ALA B 324 -9.83 -31.54 17.46
C ALA B 324 -10.63 -30.96 18.62
N TRP B 325 -11.42 -29.92 18.36
CA TRP B 325 -12.25 -29.34 19.42
C TRP B 325 -13.21 -30.37 20.00
N ALA B 326 -13.73 -31.25 19.14
CA ALA B 326 -14.67 -32.29 19.57
C ALA B 326 -14.05 -33.29 20.52
N LYS B 327 -12.72 -33.43 20.52
CA LYS B 327 -12.05 -34.33 21.45
C LYS B 327 -12.07 -33.81 22.88
N GLY B 328 -12.25 -32.50 23.06
CA GLY B 328 -12.16 -31.87 24.36
C GLY B 328 -10.85 -32.19 25.06
N PRO B 329 -10.90 -32.27 26.40
CA PRO B 329 -9.68 -32.57 27.17
C PRO B 329 -9.02 -33.89 26.80
N ASN B 330 -9.68 -34.76 26.03
CA ASN B 330 -9.06 -35.99 25.53
C ASN B 330 -8.15 -35.76 24.32
N LEU B 331 -8.02 -34.53 23.84
CA LEU B 331 -7.19 -34.29 22.66
C LEU B 331 -5.72 -34.65 22.93
N SER B 332 -5.10 -35.35 21.97
CA SER B 332 -3.71 -35.77 22.08
C SER B 332 -2.77 -34.70 21.54
N ALA B 333 -1.55 -34.70 22.06
CA ALA B 333 -0.54 -33.76 21.56
C ALA B 333 -0.27 -33.95 20.08
N GLU B 334 -0.34 -35.21 19.62
CA GLU B 334 -0.10 -35.52 18.21
C GLU B 334 -1.16 -34.89 17.31
N GLU B 335 -2.43 -35.01 17.69
CA GLU B 335 -3.47 -34.39 16.87
C GLU B 335 -3.37 -32.87 16.92
N ARG B 336 -3.02 -32.32 18.09
CA ARG B 336 -2.83 -30.88 18.19
C ARG B 336 -1.71 -30.42 17.26
N GLY B 337 -0.61 -31.17 17.23
CA GLY B 337 0.51 -30.80 16.38
C GLY B 337 0.21 -30.84 14.90
N HIS B 338 -0.52 -31.87 14.46
CA HIS B 338 -0.89 -31.94 13.05
C HIS B 338 -1.84 -30.81 12.66
N LEU B 339 -2.75 -30.44 13.57
CA LEU B 339 -3.60 -29.28 13.33
C LEU B 339 -2.76 -28.01 13.22
N ALA B 340 -1.80 -27.84 14.13
CA ALA B 340 -0.92 -26.68 14.10
C ALA B 340 -0.21 -26.56 12.75
N THR B 341 0.32 -27.67 12.24
CA THR B 341 1.00 -27.67 10.95
C THR B 341 0.05 -27.30 9.83
N ALA B 342 -1.16 -27.86 9.87
CA ALA B 342 -2.16 -27.54 8.84
C ALA B 342 -2.50 -26.05 8.84
N ILE B 343 -2.64 -25.45 10.04
CA ILE B 343 -2.98 -24.03 10.13
C ILE B 343 -1.84 -23.17 9.61
N ALA B 344 -0.61 -23.46 10.04
CA ALA B 344 0.52 -22.66 9.60
C ALA B 344 0.71 -22.73 8.09
N THR B 345 0.45 -23.91 7.50
CA THR B 345 0.55 -24.06 6.05
C THR B 345 -0.47 -23.15 5.36
N ALA B 346 -1.70 -23.17 5.85
CA ALA B 346 -2.73 -22.30 5.31
C ALA B 346 -2.37 -20.83 5.51
N LYS B 347 -1.81 -20.50 6.68
CA LYS B 347 -1.49 -19.11 6.98
C LYS B 347 -0.40 -18.57 6.04
N VAL B 348 0.63 -19.38 5.77
CA VAL B 348 1.67 -18.94 4.84
C VAL B 348 1.08 -18.67 3.45
N ALA B 349 0.31 -19.63 2.91
CA ALA B 349 -0.30 -19.43 1.59
C ALA B 349 -1.20 -18.20 1.56
N ALA B 350 -2.07 -18.06 2.56
CA ALA B 350 -2.98 -16.92 2.59
C ALA B 350 -2.22 -15.60 2.69
N SER B 351 -1.16 -15.56 3.50
CA SER B 351 -0.40 -14.33 3.65
C SER B 351 0.30 -13.95 2.35
N ARG B 352 1.05 -14.88 1.78
CA ARG B 352 1.93 -14.57 0.67
C ARG B 352 1.14 -14.38 -0.61
N GLN B 353 0.29 -15.36 -0.93
CA GLN B 353 -0.47 -15.28 -2.17
C GLN B 353 -1.57 -14.25 -2.07
N GLY B 354 -2.11 -14.05 -0.87
CA GLY B 354 -3.09 -12.99 -0.67
C GLY B 354 -2.51 -11.61 -0.89
N LEU B 355 -1.33 -11.34 -0.32
CA LEU B 355 -0.74 -10.02 -0.53
C LEU B 355 -0.44 -9.77 -2.01
N GLU B 356 0.00 -10.82 -2.72
CA GLU B 356 0.29 -10.70 -4.14
C GLU B 356 -0.95 -10.32 -4.94
N ILE B 357 -2.10 -10.97 -4.66
CA ILE B 357 -3.35 -10.56 -5.32
C ILE B 357 -3.67 -9.09 -5.04
N CYS B 358 -3.52 -8.67 -3.78
CA CYS B 358 -3.92 -7.32 -3.41
C CYS B 358 -3.05 -6.27 -4.09
N SER B 359 -1.81 -6.62 -4.42
CA SER B 359 -0.94 -5.71 -5.17
C SER B 359 -1.16 -5.79 -6.67
N ARG B 360 -1.19 -7.00 -7.21
CA ARG B 360 -1.19 -7.19 -8.65
C ARG B 360 -2.54 -6.90 -9.28
N LEU B 361 -3.62 -6.87 -8.49
CA LEU B 361 -4.92 -6.51 -9.07
C LEU B 361 -4.88 -5.13 -9.72
N PHE B 362 -3.97 -4.25 -9.29
CA PHE B 362 -3.95 -2.93 -9.91
C PHE B 362 -3.55 -3.00 -11.38
N GLU B 363 -2.85 -4.04 -11.79
CA GLU B 363 -2.49 -4.18 -13.21
C GLU B 363 -3.69 -4.48 -14.09
N VAL B 364 -4.79 -4.98 -13.52
CA VAL B 364 -6.00 -5.26 -14.30
C VAL B 364 -7.11 -4.25 -14.04
N THR B 365 -6.97 -3.37 -13.04
CA THR B 365 -7.92 -2.30 -12.85
C THR B 365 -7.47 -0.99 -13.48
N GLY B 366 -6.15 -0.73 -13.54
CA GLY B 366 -5.62 0.34 -14.36
C GLY B 366 -5.42 1.64 -13.60
N ALA B 367 -4.88 2.61 -14.35
CA ALA B 367 -4.40 3.85 -13.75
C ALA B 367 -5.50 4.69 -13.10
N ARG B 368 -6.77 4.52 -13.50
CA ARG B 368 -7.81 5.32 -12.86
C ARG B 368 -8.31 4.75 -11.53
N SER B 369 -7.98 3.49 -11.21
CA SER B 369 -8.49 2.83 -10.01
C SER B 369 -7.77 3.24 -8.74
N THR B 370 -6.72 4.06 -8.84
CA THR B 370 -6.03 4.57 -7.67
C THR B 370 -6.65 5.84 -7.10
N HIS B 371 -7.78 6.28 -7.66
CA HIS B 371 -8.48 7.44 -7.12
C HIS B 371 -8.72 7.27 -5.64
N ALA B 372 -8.44 8.32 -4.87
CA ALA B 372 -8.50 8.21 -3.41
C ALA B 372 -9.90 7.93 -2.90
N SER B 373 -10.94 8.29 -3.67
CA SER B 373 -12.30 8.01 -3.22
C SER B 373 -12.63 6.52 -3.24
N LEU B 374 -11.87 5.71 -3.98
CA LEU B 374 -12.13 4.28 -4.03
C LEU B 374 -11.36 3.51 -2.96
N ARG B 375 -10.23 4.04 -2.48
CA ARG B 375 -9.38 3.38 -1.49
C ARG B 375 -9.19 1.89 -1.81
N LEU B 376 -8.90 1.60 -3.09
CA LEU B 376 -8.71 0.22 -3.52
C LEU B 376 -7.46 -0.41 -2.90
N ASP B 377 -6.50 0.43 -2.47
CA ASP B 377 -5.33 -0.04 -1.74
C ASP B 377 -5.63 -0.47 -0.33
N ARG B 378 -6.87 -0.32 0.16
CA ARG B 378 -7.10 -0.63 1.56
C ARG B 378 -6.90 -2.11 1.84
N HIS B 379 -7.24 -2.98 0.88
CA HIS B 379 -7.02 -4.42 1.06
C HIS B 379 -5.54 -4.72 1.26
N TRP B 380 -4.69 -4.20 0.37
CA TRP B 380 -3.26 -4.41 0.53
C TRP B 380 -2.76 -3.87 1.87
N ARG B 381 -3.18 -2.65 2.24
CA ARG B 381 -2.70 -2.07 3.50
C ARG B 381 -3.12 -2.92 4.70
N ASN B 382 -4.37 -3.39 4.70
CA ASN B 382 -4.88 -4.19 5.81
C ASN B 382 -4.12 -5.50 5.92
N LEU B 383 -3.91 -6.19 4.79
CA LEU B 383 -3.19 -7.45 4.81
C LEU B 383 -1.71 -7.23 5.12
N ARG B 384 -1.13 -6.14 4.61
CA ARG B 384 0.29 -5.89 4.86
C ARG B 384 0.56 -5.70 6.35
N THR B 385 -0.34 -4.98 7.04
CA THR B 385 -0.20 -4.75 8.47
C THR B 385 -0.37 -6.04 9.27
N GLN B 386 -1.38 -6.83 8.93
CA GLN B 386 -1.72 -7.98 9.75
C GLN B 386 -0.79 -9.17 9.53
N THR B 387 -0.11 -9.24 8.38
CA THR B 387 0.78 -10.36 8.15
C THR B 387 2.11 -10.24 8.87
N LEU B 388 2.36 -9.13 9.58
CA LEU B 388 3.65 -8.87 10.24
C LEU B 388 3.70 -9.28 11.70
N HIS B 389 2.57 -9.48 12.35
CA HIS B 389 2.47 -9.83 13.77
CA HIS B 389 2.63 -9.76 13.78
C HIS B 389 3.11 -11.17 14.10
N ASP B 390 3.44 -11.96 13.09
CA ASP B 390 3.99 -13.30 13.27
C ASP B 390 4.84 -13.57 12.04
N PRO B 391 6.17 -13.42 12.13
CA PRO B 391 7.00 -13.34 10.92
C PRO B 391 6.97 -14.61 10.08
N LEU B 392 6.70 -14.42 8.79
CA LEU B 392 6.56 -15.54 7.86
C LEU B 392 7.81 -16.40 7.82
N ASP B 393 9.00 -15.79 7.87
CA ASP B 393 10.22 -16.58 7.75
C ASP B 393 10.30 -17.63 8.85
N TYR B 394 9.83 -17.31 10.05
CA TYR B 394 9.90 -18.32 11.10
C TYR B 394 8.74 -19.30 11.05
N LYS B 395 7.63 -18.96 10.39
CA LYS B 395 6.63 -19.99 10.10
C LYS B 395 7.17 -21.02 9.11
N LEU B 396 7.92 -20.56 8.11
CA LEU B 396 8.53 -21.49 7.16
C LEU B 396 9.58 -22.37 7.83
N HIS B 397 10.33 -21.80 8.77
CA HIS B 397 11.28 -22.59 9.56
C HIS B 397 10.56 -23.72 10.29
N GLU B 398 9.45 -23.40 10.95
CA GLU B 398 8.66 -24.40 11.66
C GLU B 398 8.12 -25.47 10.71
N LEU B 399 7.60 -25.06 9.55
CA LEU B 399 7.08 -26.03 8.60
C LEU B 399 8.18 -26.90 8.00
N GLY B 400 9.37 -26.35 7.79
CA GLY B 400 10.48 -27.16 7.31
C GLY B 400 10.95 -28.15 8.35
N ASP B 401 10.85 -27.79 9.63
CA ASP B 401 11.18 -28.75 10.69
C ASP B 401 10.24 -29.95 10.64
N TRP B 402 8.96 -29.71 10.33
CA TRP B 402 8.04 -30.82 10.09
C TRP B 402 8.36 -31.57 8.81
N ALA B 403 8.51 -30.85 7.70
CA ALA B 403 8.65 -31.50 6.41
C ALA B 403 9.93 -32.32 6.34
N LEU B 404 11.02 -31.80 6.89
CA LEU B 404 12.31 -32.48 6.83
C LEU B 404 12.48 -33.48 7.97
N ASN B 405 12.24 -33.05 9.21
CA ASN B 405 12.58 -33.82 10.40
C ASN B 405 11.40 -34.50 11.06
N GLN B 406 10.17 -34.26 10.58
CA GLN B 406 8.95 -34.78 11.22
C GLN B 406 8.81 -34.33 12.68
N SER B 407 9.27 -33.12 12.97
CA SER B 407 9.15 -32.52 14.29
C SER B 407 7.87 -31.71 14.38
N LEU B 408 7.03 -32.03 15.38
CA LEU B 408 5.82 -31.27 15.63
C LEU B 408 6.16 -29.89 16.20
N PRO B 409 5.33 -28.89 15.94
CA PRO B 409 5.59 -27.55 16.49
C PRO B 409 5.50 -27.55 18.00
N VAL B 410 6.29 -26.70 18.64
CA VAL B 410 6.20 -26.56 20.09
C VAL B 410 5.09 -25.57 20.42
N PRO B 411 4.15 -25.92 21.31
CA PRO B 411 3.09 -24.96 21.66
C PRO B 411 3.63 -23.71 22.34
N THR B 412 3.26 -22.55 21.79
CA THR B 412 3.53 -21.23 22.38
C THR B 412 2.29 -20.37 22.17
N PHE B 413 2.38 -19.08 22.49
CA PHE B 413 1.24 -18.21 22.22
C PHE B 413 1.08 -17.88 20.73
N TYR B 414 2.08 -18.21 19.90
CA TYR B 414 2.01 -17.98 18.46
C TYR B 414 2.08 -19.26 17.63
N SER B 415 2.09 -20.42 18.26
CA SER B 415 2.34 -21.66 17.52
C SER B 415 1.87 -22.87 18.31
#